data_6XN2
#
_entry.id   6XN2
#
_cell.length_a   63.593
_cell.length_b   165.874
_cell.length_c   158.756
_cell.angle_alpha   90.000
_cell.angle_beta   90.000
_cell.angle_gamma   90.000
#
_symmetry.space_group_name_H-M   'C 2 2 21'
#
loop_
_entity.id
_entity.type
_entity.pdbx_description
1 polymer Xylosidase
2 branched beta-D-xylopyranose-(1-4)-beta-D-xylopyranose-(1-4)-beta-D-xylopyranose
3 non-polymer 'CALCIUM ION'
4 non-polymer beta-D-xylopyranose
5 non-polymer DI(HYDROXYETHYL)ETHER
6 non-polymer GLYCEROL
7 water water
#
_entity_poly.entity_id   1
_entity_poly.type   'polypeptide(L)'
_entity_poly.pdbx_seq_one_letter_code
;MGSSHHHHHHSSGLVPRGSHMSDELQAASLQALARTAISAPLVTHLYTADPSAHVFDGALYIYPSHDLDAGVAFSDDGSH
FDMADYHVLRMAHPGAAVEDLGQVLHVRDVPWAQRQMWAPDAAQRNGKTYLYFPAKRADGMFQIGVAVGDRPEGPFVAEP
QPIAGTYSIDPAVLADDDGAHYLYFGGIWGGQLQHYRDNAYAQTHQEPVGDAPALGPRVARLHERMIDLAEPSREVVILD
EHGTPLRADDHARRFFEGPWVHQHAGRYYLSYSTGDTHRICYATSDSPYGPFTYQGVLLAPVVGWTTHHSICLFQQQWYL
FYHDSVLSGGQTHLRSIKMAPLAHAADGTIATIYPYGEDAVSPW
;
_entity_poly.pdbx_strand_id   A,B
#
loop_
_chem_comp.id
_chem_comp.type
_chem_comp.name
_chem_comp.formula
CA non-polymer 'CALCIUM ION' 'Ca 2'
GOL non-polymer GLYCEROL 'C3 H8 O3'
PEG non-polymer DI(HYDROXYETHYL)ETHER 'C4 H10 O3'
XYP D-saccharide, beta linking beta-D-xylopyranose 'C5 H10 O5'
#
# COMPACT_ATOMS: atom_id res chain seq x y z
N ALA A 27 9.44 17.06 -13.32
CA ALA A 27 10.78 16.89 -13.86
C ALA A 27 11.46 16.01 -12.84
N ALA A 28 12.36 16.61 -12.09
CA ALA A 28 13.01 15.92 -10.98
C ALA A 28 12.21 16.20 -9.72
N SER A 29 11.38 17.24 -9.75
CA SER A 29 10.54 17.56 -8.62
C SER A 29 9.44 16.53 -8.53
N LEU A 30 9.01 15.97 -9.65
CA LEU A 30 8.02 14.92 -9.67
C LEU A 30 8.66 13.59 -9.37
N GLN A 31 9.96 13.47 -9.60
CA GLN A 31 10.51 12.20 -9.27
C GLN A 31 10.69 12.12 -7.78
N ALA A 32 10.94 13.22 -7.10
CA ALA A 32 10.99 13.18 -5.68
C ALA A 32 9.68 12.74 -5.11
N LEU A 33 8.57 13.27 -5.61
CA LEU A 33 7.28 12.89 -5.08
C LEU A 33 6.97 11.43 -5.31
N ALA A 34 7.36 10.90 -6.45
CA ALA A 34 7.13 9.50 -6.73
C ALA A 34 7.89 8.61 -5.75
N ARG A 35 9.08 8.99 -5.36
CA ARG A 35 9.85 8.22 -4.42
C ARG A 35 9.29 8.25 -3.01
N THR A 36 8.65 9.34 -2.63
CA THR A 36 8.15 9.42 -1.27
C THR A 36 6.62 9.28 -1.17
N ALA A 37 5.96 8.99 -2.28
CA ALA A 37 4.52 8.73 -2.27
C ALA A 37 4.15 7.68 -1.22
N ILE A 38 3.12 7.96 -0.45
CA ILE A 38 2.67 7.05 0.58
C ILE A 38 1.78 5.96 0.05
N SER A 39 1.36 6.07 -1.17
CA SER A 39 0.55 5.05 -1.76
C SER A 39 1.00 4.76 -3.14
N ALA A 40 0.89 3.52 -3.51
CA ALA A 40 1.15 3.11 -4.84
C ALA A 40 -0.18 3.00 -5.55
N PRO A 41 -0.19 3.16 -6.85
CA PRO A 41 -1.40 3.00 -7.62
C PRO A 41 -2.02 1.63 -7.37
N LEU A 42 -3.29 1.59 -7.03
CA LEU A 42 -3.94 0.35 -6.75
C LEU A 42 -4.03 -0.48 -7.97
N VAL A 43 -4.03 0.14 -9.13
CA VAL A 43 -4.01 -0.55 -10.40
C VAL A 43 -3.18 0.22 -11.39
N THR A 44 -2.55 -0.46 -12.31
CA THR A 44 -1.72 0.20 -13.28
C THR A 44 -1.98 -0.18 -14.67
N HIS A 45 -2.86 -1.14 -14.92
CA HIS A 45 -3.12 -1.55 -16.28
C HIS A 45 -4.10 -0.67 -17.02
N LEU A 46 -4.75 0.21 -16.29
CA LEU A 46 -5.63 1.19 -16.84
C LEU A 46 -5.57 2.42 -15.97
N TYR A 47 -5.83 3.57 -16.54
CA TYR A 47 -5.86 4.80 -15.77
C TYR A 47 -7.21 4.93 -15.06
N THR A 48 -7.17 5.29 -13.78
CA THR A 48 -8.38 5.37 -12.97
C THR A 48 -8.38 6.66 -12.15
N ALA A 49 -9.57 7.20 -11.87
CA ALA A 49 -9.68 8.43 -11.11
C ALA A 49 -10.95 8.44 -10.27
N ASP A 50 -11.10 9.45 -9.42
CA ASP A 50 -12.33 9.69 -8.68
C ASP A 50 -12.87 8.46 -7.96
N PRO A 51 -12.09 7.87 -7.05
CA PRO A 51 -12.53 6.58 -6.49
C PRO A 51 -13.68 6.71 -5.51
N SER A 52 -14.72 5.93 -5.68
CA SER A 52 -15.81 5.89 -4.74
C SER A 52 -15.82 4.51 -4.14
N ALA A 53 -15.40 4.41 -2.89
CA ALA A 53 -15.26 3.10 -2.24
C ALA A 53 -16.48 2.78 -1.38
N HIS A 54 -16.94 1.54 -1.51
CA HIS A 54 -18.09 1.07 -0.70
C HIS A 54 -17.83 -0.36 -0.23
N VAL A 55 -18.40 -0.71 0.91
CA VAL A 55 -18.35 -2.11 1.39
C VAL A 55 -19.72 -2.70 1.08
N PHE A 56 -19.77 -3.52 0.04
CA PHE A 56 -21.02 -4.19 -0.37
C PHE A 56 -20.78 -5.69 -0.28
N ASP A 57 -21.71 -6.37 0.33
CA ASP A 57 -21.65 -7.82 0.42
C ASP A 57 -20.32 -8.35 0.98
N GLY A 58 -19.86 -7.74 2.05
CA GLY A 58 -18.64 -8.16 2.69
C GLY A 58 -17.31 -7.85 2.05
N ALA A 59 -17.31 -7.28 0.87
CA ALA A 59 -16.08 -6.91 0.19
C ALA A 59 -16.06 -5.43 -0.17
N LEU A 60 -14.87 -4.88 -0.41
CA LEU A 60 -14.73 -3.48 -0.77
C LEU A 60 -14.78 -3.34 -2.28
N TYR A 61 -15.80 -2.63 -2.76
CA TYR A 61 -15.94 -2.33 -4.18
C TYR A 61 -15.56 -0.88 -4.44
N ILE A 62 -14.82 -0.64 -5.52
CA ILE A 62 -14.45 0.72 -5.88
C ILE A 62 -15.04 1.07 -7.24
N TYR A 63 -15.67 2.24 -7.32
CA TYR A 63 -16.26 2.72 -8.56
C TYR A 63 -15.55 4.00 -8.97
N PRO A 64 -14.52 3.86 -9.81
CA PRO A 64 -13.74 5.01 -10.27
C PRO A 64 -14.11 5.41 -11.71
N SER A 65 -13.63 6.56 -12.15
CA SER A 65 -13.66 6.91 -13.57
C SER A 65 -12.56 6.15 -14.29
N HIS A 66 -12.64 6.10 -15.61
CA HIS A 66 -11.63 5.39 -16.44
C HIS A 66 -11.04 6.35 -17.45
N ASP A 67 -9.91 6.94 -17.13
CA ASP A 67 -9.23 7.88 -17.99
C ASP A 67 -8.68 7.17 -19.18
N LEU A 68 -8.86 7.74 -20.34
CA LEU A 68 -8.39 7.13 -21.57
C LEU A 68 -7.22 7.85 -22.20
N ASP A 69 -6.23 7.08 -22.62
CA ASP A 69 -5.03 7.65 -23.22
C ASP A 69 -5.13 7.68 -24.74
N ALA A 70 -5.41 8.87 -25.28
CA ALA A 70 -5.51 9.05 -26.73
C ALA A 70 -4.13 9.24 -27.35
N GLY A 71 -3.20 8.33 -27.04
CA GLY A 71 -1.86 8.40 -27.57
C GLY A 71 -1.06 9.56 -27.01
N HIS A 80 -9.01 17.20 -21.78
CA HIS A 80 -9.16 15.89 -22.45
C HIS A 80 -9.70 14.84 -21.46
N PHE A 81 -10.73 15.21 -20.72
CA PHE A 81 -11.36 14.27 -19.86
C PHE A 81 -12.52 13.70 -20.69
N ASP A 82 -12.19 12.79 -21.59
CA ASP A 82 -13.13 12.18 -22.51
C ASP A 82 -13.45 10.75 -22.19
N MET A 83 -13.68 10.46 -20.93
CA MET A 83 -14.00 9.12 -20.51
C MET A 83 -15.32 8.61 -21.10
N ALA A 84 -15.40 7.30 -21.35
CA ALA A 84 -16.58 6.76 -22.00
C ALA A 84 -17.18 5.57 -21.28
N ASP A 85 -16.49 5.08 -20.26
CA ASP A 85 -16.94 3.81 -19.63
C ASP A 85 -16.51 3.72 -18.18
N TYR A 86 -17.05 2.73 -17.48
CA TYR A 86 -16.72 2.51 -16.11
C TYR A 86 -16.36 1.07 -15.84
N HIS A 87 -15.36 0.92 -15.01
CA HIS A 87 -15.02 -0.42 -14.49
C HIS A 87 -15.38 -0.47 -13.02
N VAL A 88 -15.41 -1.67 -12.48
CA VAL A 88 -15.59 -1.84 -11.06
C VAL A 88 -14.39 -2.59 -10.49
N LEU A 89 -13.83 -2.12 -9.40
CA LEU A 89 -12.68 -2.78 -8.78
C LEU A 89 -13.10 -3.36 -7.43
N ARG A 90 -12.40 -4.39 -6.97
CA ARG A 90 -12.73 -5.00 -5.69
C ARG A 90 -11.50 -5.39 -4.88
N MET A 91 -11.58 -5.17 -3.56
CA MET A 91 -10.67 -5.81 -2.62
C MET A 91 -11.50 -6.77 -1.79
N ALA A 92 -11.23 -8.07 -1.93
CA ALA A 92 -12.04 -9.09 -1.26
C ALA A 92 -11.94 -8.99 0.26
N HIS A 93 -10.78 -8.54 0.74
CA HIS A 93 -10.56 -8.37 2.18
C HIS A 93 -9.47 -7.30 2.37
N PRO A 94 -9.24 -6.85 3.57
CA PRO A 94 -8.22 -5.83 3.72
C PRO A 94 -6.84 -6.31 3.32
N GLY A 95 -6.09 -5.45 2.66
CA GLY A 95 -4.76 -5.79 2.19
C GLY A 95 -4.72 -6.66 0.94
N ALA A 96 -5.88 -7.07 0.45
CA ALA A 96 -5.94 -7.95 -0.72
C ALA A 96 -5.46 -7.23 -1.98
N ALA A 97 -5.04 -8.02 -2.97
CA ALA A 97 -4.77 -7.48 -4.29
C ALA A 97 -6.06 -6.93 -4.89
N VAL A 98 -5.95 -5.86 -5.68
CA VAL A 98 -7.12 -5.24 -6.30
C VAL A 98 -7.51 -5.93 -7.61
N GLU A 99 -8.78 -6.33 -7.70
CA GLU A 99 -9.27 -7.01 -8.90
C GLU A 99 -9.97 -6.02 -9.82
N ASP A 100 -9.76 -6.16 -11.11
CA ASP A 100 -10.44 -5.37 -12.10
C ASP A 100 -11.57 -6.27 -12.55
N LEU A 101 -12.78 -5.95 -12.16
CA LEU A 101 -13.93 -6.78 -12.48
C LEU A 101 -14.47 -6.47 -13.88
N GLY A 102 -13.78 -5.62 -14.61
CA GLY A 102 -14.16 -5.33 -15.97
C GLY A 102 -15.03 -4.13 -16.22
N GLN A 103 -15.32 -3.88 -17.49
CA GLN A 103 -16.16 -2.75 -17.88
C GLN A 103 -17.61 -3.06 -17.57
N VAL A 104 -18.30 -2.12 -16.95
CA VAL A 104 -19.68 -2.37 -16.57
C VAL A 104 -20.73 -1.47 -17.16
N LEU A 105 -20.30 -0.42 -17.84
CA LEU A 105 -21.18 0.52 -18.46
C LEU A 105 -20.40 1.34 -19.44
N HIS A 106 -21.00 1.55 -20.61
CA HIS A 106 -20.37 2.36 -21.67
C HIS A 106 -21.37 3.43 -22.07
N VAL A 107 -20.90 4.59 -22.51
CA VAL A 107 -21.74 5.75 -22.92
C VAL A 107 -22.63 5.40 -24.11
N ARG A 108 -22.25 4.45 -24.96
CA ARG A 108 -23.09 3.99 -26.08
C ARG A 108 -24.41 3.38 -25.60
N ASP A 109 -24.48 2.83 -24.38
CA ASP A 109 -25.71 2.24 -23.80
C ASP A 109 -26.43 3.26 -22.92
N VAL A 110 -25.95 4.50 -22.89
CA VAL A 110 -26.64 5.59 -22.16
C VAL A 110 -27.25 6.50 -23.23
N PRO A 111 -28.53 6.31 -23.58
CA PRO A 111 -29.16 7.03 -24.66
C PRO A 111 -29.17 8.56 -24.55
N TRP A 112 -29.29 9.06 -23.33
CA TRP A 112 -29.37 10.50 -23.14
C TRP A 112 -28.00 11.18 -23.16
N ALA A 113 -26.94 10.42 -23.03
CA ALA A 113 -25.59 10.99 -22.90
C ALA A 113 -24.78 10.86 -24.19
N GLN A 114 -23.99 11.87 -24.48
CA GLN A 114 -23.10 11.82 -25.65
C GLN A 114 -21.67 11.47 -25.25
N ARG A 115 -21.18 12.07 -24.18
CA ARG A 115 -19.77 11.94 -23.84
C ARG A 115 -19.47 12.27 -22.39
N GLN A 116 -18.19 12.11 -22.03
CA GLN A 116 -17.65 12.49 -20.74
C GLN A 116 -18.36 11.81 -19.57
N MET A 117 -18.07 10.52 -19.42
CA MET A 117 -18.54 9.74 -18.29
C MET A 117 -17.60 10.00 -17.11
N TRP A 118 -17.98 10.95 -16.27
CA TRP A 118 -17.17 11.40 -15.15
C TRP A 118 -17.39 10.70 -13.82
N ALA A 119 -16.78 11.21 -12.77
CA ALA A 119 -16.82 10.65 -11.43
C ALA A 119 -18.12 10.01 -10.94
N PRO A 120 -18.15 8.69 -10.83
CA PRO A 120 -19.38 8.04 -10.41
C PRO A 120 -19.43 7.57 -8.98
N ASP A 121 -20.56 7.00 -8.61
CA ASP A 121 -20.70 6.43 -7.27
C ASP A 121 -21.72 5.30 -7.34
N ALA A 122 -21.87 4.57 -6.24
CA ALA A 122 -22.79 3.46 -6.24
C ALA A 122 -23.57 3.40 -4.93
N ALA A 123 -24.70 2.70 -4.97
CA ALA A 123 -25.52 2.48 -3.80
C ALA A 123 -26.22 1.14 -3.92
N GLN A 124 -26.66 0.59 -2.79
CA GLN A 124 -27.46 -0.63 -2.80
C GLN A 124 -28.75 -0.45 -2.05
N ARG A 125 -29.77 -1.13 -2.54
CA ARG A 125 -31.08 -1.17 -1.94
C ARG A 125 -31.87 -2.27 -2.61
N ASN A 126 -32.64 -2.97 -1.81
CA ASN A 126 -33.51 -4.04 -2.25
C ASN A 126 -32.82 -5.09 -3.10
N GLY A 127 -31.58 -5.40 -2.78
CA GLY A 127 -30.83 -6.40 -3.52
C GLY A 127 -30.27 -5.91 -4.85
N LYS A 128 -30.56 -4.66 -5.17
CA LYS A 128 -30.08 -4.05 -6.40
C LYS A 128 -28.87 -3.19 -6.10
N THR A 129 -28.05 -2.94 -7.10
CA THR A 129 -26.93 -2.03 -6.99
C THR A 129 -27.17 -0.97 -8.04
N TYR A 130 -27.02 0.27 -7.66
CA TYR A 130 -27.23 1.37 -8.55
C TYR A 130 -25.94 2.11 -8.83
N LEU A 131 -25.64 2.39 -10.08
CA LEU A 131 -24.46 3.12 -10.46
C LEU A 131 -24.85 4.52 -10.86
N TYR A 132 -24.48 5.50 -10.07
CA TYR A 132 -24.79 6.91 -10.37
C TYR A 132 -23.61 7.54 -11.09
N PHE A 133 -23.88 8.26 -12.18
CA PHE A 133 -22.80 8.82 -12.98
C PHE A 133 -23.19 10.14 -13.65
N PRO A 134 -22.23 11.07 -13.73
CA PRO A 134 -22.43 12.30 -14.48
C PRO A 134 -21.98 12.12 -15.93
N ALA A 135 -22.79 12.60 -16.86
CA ALA A 135 -22.39 12.59 -18.26
C ALA A 135 -22.96 13.82 -18.94
N LYS A 136 -22.44 14.11 -20.12
CA LYS A 136 -22.82 15.32 -20.85
C LYS A 136 -23.78 14.98 -21.98
N ARG A 137 -24.87 15.73 -22.08
CA ARG A 137 -25.81 15.56 -23.15
C ARG A 137 -25.24 16.11 -24.44
N ALA A 138 -25.85 15.77 -25.55
CA ALA A 138 -25.37 16.26 -26.83
C ALA A 138 -25.29 17.79 -26.85
N ASP A 139 -26.18 18.46 -26.11
CA ASP A 139 -26.20 19.92 -26.09
C ASP A 139 -25.20 20.53 -25.10
N GLY A 140 -24.31 19.70 -24.57
CA GLY A 140 -23.21 20.18 -23.75
C GLY A 140 -23.48 20.29 -22.27
N MET A 141 -24.69 20.02 -21.83
CA MET A 141 -25.01 20.10 -20.44
C MET A 141 -24.83 18.80 -19.68
N PHE A 142 -24.14 18.88 -18.55
CA PHE A 142 -24.00 17.73 -17.65
C PHE A 142 -25.29 17.44 -16.90
N GLN A 143 -25.53 16.19 -16.63
CA GLN A 143 -26.63 15.73 -15.82
C GLN A 143 -26.17 14.40 -15.19
N ILE A 144 -26.94 13.92 -14.24
CA ILE A 144 -26.58 12.72 -13.54
C ILE A 144 -27.58 11.64 -13.89
N GLY A 145 -27.08 10.52 -14.40
CA GLY A 145 -27.91 9.38 -14.71
C GLY A 145 -27.67 8.25 -13.73
N VAL A 146 -28.49 7.22 -13.81
CA VAL A 146 -28.27 6.05 -12.96
C VAL A 146 -28.42 4.78 -13.82
N ALA A 147 -27.72 3.73 -13.40
CA ALA A 147 -27.79 2.42 -14.05
C ALA A 147 -28.00 1.34 -12.99
N VAL A 148 -28.78 0.33 -13.33
CA VAL A 148 -29.18 -0.67 -12.34
C VAL A 148 -28.62 -2.06 -12.65
N GLY A 149 -28.24 -2.76 -11.61
CA GLY A 149 -27.72 -4.10 -11.69
C GLY A 149 -28.18 -4.95 -10.54
N ASP A 150 -27.96 -6.25 -10.66
CA ASP A 150 -28.35 -7.18 -9.63
C ASP A 150 -27.18 -7.62 -8.78
N ARG A 151 -26.00 -7.13 -9.11
CA ARG A 151 -24.78 -7.40 -8.42
C ARG A 151 -23.96 -6.13 -8.41
N PRO A 152 -23.11 -5.98 -7.41
CA PRO A 152 -22.19 -4.84 -7.26
C PRO A 152 -21.18 -4.70 -8.39
N GLU A 153 -20.83 -5.79 -9.05
CA GLU A 153 -19.95 -5.74 -10.19
C GLU A 153 -20.71 -5.58 -11.48
N GLY A 154 -22.01 -5.51 -11.39
CA GLY A 154 -22.79 -5.33 -12.53
C GLY A 154 -23.00 -6.56 -13.37
N PRO A 155 -23.29 -6.38 -14.64
CA PRO A 155 -23.34 -5.17 -15.47
C PRO A 155 -24.58 -4.33 -15.18
N PHE A 156 -24.51 -3.06 -15.46
CA PHE A 156 -25.57 -2.15 -15.16
C PHE A 156 -26.27 -1.73 -16.40
N VAL A 157 -27.59 -1.69 -16.34
CA VAL A 157 -28.38 -1.24 -17.44
C VAL A 157 -28.77 0.18 -17.12
N ALA A 158 -28.29 1.11 -17.92
CA ALA A 158 -28.54 2.54 -17.68
C ALA A 158 -29.98 2.89 -18.03
N GLU A 159 -30.55 3.83 -17.29
CA GLU A 159 -31.85 4.36 -17.60
C GLU A 159 -31.74 5.21 -18.85
N PRO A 160 -32.80 5.24 -19.64
CA PRO A 160 -32.86 6.00 -20.88
C PRO A 160 -32.72 7.50 -20.70
N GLN A 161 -33.16 8.03 -19.58
CA GLN A 161 -33.08 9.47 -19.29
C GLN A 161 -32.30 9.70 -18.01
N PRO A 162 -31.79 10.90 -17.80
CA PRO A 162 -31.08 11.20 -16.58
C PRO A 162 -32.02 11.43 -15.40
N ILE A 163 -31.48 11.51 -14.22
CA ILE A 163 -32.31 11.74 -13.07
C ILE A 163 -32.89 13.13 -13.09
N ALA A 164 -34.20 13.24 -12.99
CA ALA A 164 -34.80 14.55 -13.02
C ALA A 164 -34.42 15.32 -11.80
N GLY A 165 -34.08 16.57 -11.97
CA GLY A 165 -33.70 17.40 -10.88
C GLY A 165 -32.20 17.44 -10.70
N THR A 166 -31.50 16.69 -11.53
CA THR A 166 -30.08 16.68 -11.47
C THR A 166 -29.50 17.49 -12.58
N TYR A 167 -28.33 17.95 -12.29
CA TYR A 167 -27.50 18.79 -13.12
C TYR A 167 -26.08 18.77 -12.56
N SER A 168 -25.09 19.35 -13.30
CA SER A 168 -23.70 19.40 -12.85
C SER A 168 -23.17 17.95 -12.72
N ILE A 169 -22.15 17.76 -11.89
CA ILE A 169 -21.46 16.48 -11.83
C ILE A 169 -21.20 15.90 -10.45
N ASP A 170 -20.37 14.85 -10.43
CA ASP A 170 -19.81 14.30 -9.19
C ASP A 170 -20.83 13.82 -8.15
N PRO A 171 -21.66 12.87 -8.51
CA PRO A 171 -22.60 12.42 -7.50
C PRO A 171 -21.98 11.61 -6.40
N ALA A 172 -22.53 11.75 -5.22
CA ALA A 172 -22.15 10.89 -4.09
C ALA A 172 -23.42 10.47 -3.37
N VAL A 173 -23.63 9.17 -3.22
CA VAL A 173 -24.85 8.70 -2.57
C VAL A 173 -24.55 8.12 -1.19
N LEU A 174 -25.07 8.79 -0.16
CA LEU A 174 -24.85 8.35 1.21
C LEU A 174 -25.95 7.39 1.67
N ALA A 175 -25.52 6.22 2.10
CA ALA A 175 -26.42 5.25 2.71
C ALA A 175 -26.44 5.60 4.19
N ASP A 176 -27.46 6.34 4.63
CA ASP A 176 -27.54 6.79 6.03
C ASP A 176 -27.83 5.59 6.92
N ASP A 177 -27.41 5.65 8.16
CA ASP A 177 -27.63 4.59 9.11
C ASP A 177 -29.10 4.36 9.38
N ASP A 178 -29.89 5.38 9.14
CA ASP A 178 -31.30 5.29 9.37
C ASP A 178 -32.07 4.67 8.23
N GLY A 179 -31.40 4.28 7.18
CA GLY A 179 -32.09 3.67 6.08
C GLY A 179 -32.32 4.49 4.84
N ALA A 180 -32.21 5.79 4.96
CA ALA A 180 -32.40 6.64 3.82
C ALA A 180 -31.15 6.78 2.99
N HIS A 181 -31.31 7.20 1.75
CA HIS A 181 -30.22 7.45 0.86
C HIS A 181 -30.28 8.89 0.41
N TYR A 182 -29.15 9.57 0.40
CA TYR A 182 -29.09 10.95 -0.01
C TYR A 182 -28.11 11.14 -1.14
N LEU A 183 -28.51 11.87 -2.14
CA LEU A 183 -27.63 12.16 -3.27
C LEU A 183 -27.02 13.54 -3.11
N TYR A 184 -25.69 13.61 -3.20
CA TYR A 184 -24.97 14.87 -3.20
C TYR A 184 -24.36 15.07 -4.57
N PHE A 185 -24.36 16.30 -5.07
CA PHE A 185 -23.71 16.55 -6.34
C PHE A 185 -23.27 18.00 -6.53
N GLY A 186 -22.43 18.21 -7.53
CA GLY A 186 -21.98 19.54 -7.86
C GLY A 186 -20.51 19.67 -8.16
N GLY A 187 -20.19 20.56 -9.07
CA GLY A 187 -18.81 20.92 -9.36
C GLY A 187 -18.87 22.22 -10.13
N ILE A 188 -18.04 23.18 -9.76
CA ILE A 188 -18.00 24.44 -10.46
C ILE A 188 -17.04 24.38 -11.65
N TRP A 189 -16.75 25.54 -12.24
CA TRP A 189 -15.94 25.60 -13.47
C TRP A 189 -16.52 24.64 -14.50
N GLY A 190 -15.75 23.69 -14.99
CA GLY A 190 -16.21 22.75 -15.96
C GLY A 190 -17.39 21.89 -15.58
N GLY A 191 -17.66 21.84 -14.32
CA GLY A 191 -18.74 21.04 -13.84
C GLY A 191 -20.09 21.67 -14.01
N GLN A 192 -20.13 23.03 -14.17
CA GLN A 192 -21.32 23.81 -14.53
C GLN A 192 -22.28 24.20 -13.41
N LEU A 193 -21.97 23.85 -12.16
CA LEU A 193 -22.88 24.16 -11.04
C LEU A 193 -23.15 25.67 -10.91
N GLN A 194 -22.21 26.48 -11.38
CA GLN A 194 -22.31 27.93 -11.28
C GLN A 194 -23.44 28.49 -12.14
N HIS A 195 -23.92 27.70 -13.11
CA HIS A 195 -25.01 28.12 -13.97
C HIS A 195 -26.39 27.83 -13.39
N TYR A 196 -26.46 27.38 -12.17
CA TYR A 196 -27.72 27.04 -11.56
C TYR A 196 -28.00 27.74 -10.25
N ARG A 197 -29.25 28.10 -10.02
CA ARG A 197 -29.72 28.66 -8.78
C ARG A 197 -31.07 28.01 -8.55
N ASP A 198 -31.31 27.52 -7.38
CA ASP A 198 -32.54 26.88 -7.02
C ASP A 198 -32.95 25.82 -8.03
N ASN A 199 -32.02 25.01 -8.48
CA ASN A 199 -32.20 23.94 -9.44
C ASN A 199 -32.56 24.32 -10.82
N ALA A 200 -32.41 25.56 -11.15
CA ALA A 200 -32.74 26.02 -12.49
C ALA A 200 -31.56 26.64 -13.20
N TYR A 201 -31.38 26.28 -14.46
CA TYR A 201 -30.29 26.75 -15.32
C TYR A 201 -30.50 28.13 -15.93
N ALA A 202 -29.46 28.93 -15.92
CA ALA A 202 -29.49 30.17 -16.70
C ALA A 202 -28.11 30.41 -17.29
N GLN A 203 -28.09 30.78 -18.57
CA GLN A 203 -26.82 31.09 -19.24
C GLN A 203 -26.06 32.21 -18.53
N THR A 204 -26.79 33.17 -17.96
CA THR A 204 -26.15 34.32 -17.31
C THR A 204 -25.84 34.08 -15.84
N HIS A 205 -26.25 32.92 -15.32
CA HIS A 205 -25.82 32.51 -13.98
C HIS A 205 -24.31 32.27 -13.98
N GLN A 206 -23.57 33.00 -13.19
CA GLN A 206 -22.14 32.76 -13.11
C GLN A 206 -21.72 32.48 -11.70
N GLU A 207 -20.47 32.09 -11.51
CA GLU A 207 -19.93 31.80 -10.21
C GLU A 207 -19.91 33.08 -9.43
N PRO A 208 -20.26 33.01 -8.16
CA PRO A 208 -20.25 34.21 -7.34
C PRO A 208 -18.83 34.68 -7.03
N VAL A 209 -18.68 35.95 -6.72
CA VAL A 209 -17.38 36.52 -6.42
C VAL A 209 -17.34 37.33 -5.16
N GLY A 210 -16.14 37.55 -4.65
CA GLY A 210 -15.95 38.42 -3.51
C GLY A 210 -16.64 37.95 -2.26
N ASP A 211 -17.44 38.83 -1.66
CA ASP A 211 -18.16 38.57 -0.44
C ASP A 211 -19.43 37.79 -0.56
N ALA A 212 -19.84 37.51 -1.76
CA ALA A 212 -21.02 36.68 -1.99
C ALA A 212 -20.71 35.26 -1.54
N PRO A 213 -21.68 34.60 -0.95
CA PRO A 213 -21.39 33.25 -0.49
C PRO A 213 -21.00 32.35 -1.60
N ALA A 214 -20.04 31.49 -1.37
CA ALA A 214 -19.68 30.56 -2.39
C ALA A 214 -20.79 29.54 -2.58
N LEU A 215 -20.86 28.98 -3.75
CA LEU A 215 -21.82 27.94 -4.01
C LEU A 215 -21.43 26.69 -3.24
N GLY A 216 -22.43 25.93 -2.79
CA GLY A 216 -22.21 24.66 -2.13
C GLY A 216 -22.73 23.52 -2.99
N PRO A 217 -22.42 22.29 -2.59
CA PRO A 217 -22.97 21.14 -3.31
C PRO A 217 -24.48 21.07 -3.14
N ARG A 218 -25.14 20.21 -3.87
CA ARG A 218 -26.56 20.02 -3.74
C ARG A 218 -26.84 18.72 -3.00
N VAL A 219 -27.96 18.64 -2.31
CA VAL A 219 -28.31 17.43 -1.63
C VAL A 219 -29.79 17.14 -1.81
N ALA A 220 -30.14 15.90 -2.05
CA ALA A 220 -31.52 15.51 -2.18
C ALA A 220 -31.71 14.09 -1.74
N ARG A 221 -32.70 13.86 -0.90
CA ARG A 221 -33.00 12.52 -0.49
C ARG A 221 -33.49 11.75 -1.70
N LEU A 222 -33.09 10.51 -1.79
CA LEU A 222 -33.49 9.69 -2.86
C LEU A 222 -34.79 8.97 -2.56
N HIS A 223 -35.54 8.74 -3.60
CA HIS A 223 -36.77 7.95 -3.48
C HIS A 223 -36.36 6.52 -3.18
N GLU A 224 -37.27 5.75 -2.60
CA GLU A 224 -37.07 4.35 -2.33
C GLU A 224 -36.74 3.53 -3.56
N ARG A 225 -37.22 3.91 -4.75
CA ARG A 225 -36.90 3.24 -6.03
C ARG A 225 -35.48 3.57 -6.52
N MET A 226 -34.79 4.53 -5.91
CA MET A 226 -33.41 4.90 -6.12
C MET A 226 -33.02 5.56 -7.39
N ILE A 227 -33.89 5.54 -8.35
CA ILE A 227 -33.54 6.14 -9.63
C ILE A 227 -34.17 7.52 -9.82
N ASP A 228 -34.84 7.98 -8.76
CA ASP A 228 -35.44 9.32 -8.78
C ASP A 228 -35.18 10.01 -7.45
N LEU A 229 -35.14 11.32 -7.44
CA LEU A 229 -35.01 12.04 -6.21
C LEU A 229 -36.36 12.02 -5.54
N ALA A 230 -36.38 12.10 -4.23
CA ALA A 230 -37.64 12.17 -3.52
C ALA A 230 -38.08 13.59 -3.28
N GLU A 231 -37.23 14.52 -3.65
CA GLU A 231 -37.50 15.93 -3.47
C GLU A 231 -36.54 16.74 -4.31
N PRO A 232 -36.84 18.02 -4.57
CA PRO A 232 -35.87 18.90 -5.25
C PRO A 232 -34.61 19.05 -4.40
N SER A 233 -33.46 19.18 -5.00
CA SER A 233 -32.25 19.30 -4.24
C SER A 233 -32.16 20.63 -3.54
N ARG A 234 -31.43 20.66 -2.46
CA ARG A 234 -31.23 21.88 -1.71
C ARG A 234 -29.78 22.20 -1.70
N GLU A 235 -29.45 23.45 -1.43
CA GLU A 235 -28.04 23.78 -1.37
C GLU A 235 -27.51 23.38 -0.04
N VAL A 236 -26.32 22.82 -0.03
CA VAL A 236 -25.62 22.47 1.20
C VAL A 236 -24.72 23.65 1.59
N VAL A 237 -24.91 24.18 2.79
CA VAL A 237 -24.15 25.34 3.24
C VAL A 237 -22.95 24.95 4.07
N ILE A 238 -21.79 25.53 3.76
CA ILE A 238 -20.59 25.31 4.55
C ILE A 238 -20.20 26.59 5.29
N LEU A 239 -20.09 26.50 6.61
CA LEU A 239 -19.85 27.67 7.46
C LEU A 239 -18.40 27.72 7.95
N ASP A 240 -17.93 28.92 8.29
CA ASP A 240 -16.61 29.06 8.89
C ASP A 240 -16.70 28.97 10.41
N GLU A 241 -15.58 29.25 11.07
CA GLU A 241 -15.49 29.22 12.52
C GLU A 241 -16.53 30.10 13.20
N HIS A 242 -16.92 31.18 12.54
CA HIS A 242 -17.86 32.14 13.12
C HIS A 242 -19.30 31.89 12.72
N GLY A 243 -19.57 30.74 12.09
CA GLY A 243 -20.92 30.42 11.65
C GLY A 243 -21.36 31.22 10.43
N THR A 244 -20.41 31.78 9.70
CA THR A 244 -20.73 32.50 8.50
C THR A 244 -20.40 31.66 7.29
N PRO A 245 -21.28 31.64 6.29
CA PRO A 245 -21.04 30.87 5.07
C PRO A 245 -19.74 31.22 4.38
N LEU A 246 -19.09 30.24 3.80
CA LEU A 246 -17.85 30.51 3.13
C LEU A 246 -18.02 31.47 1.99
N ARG A 247 -17.07 32.36 1.82
CA ARG A 247 -17.11 33.36 0.80
C ARG A 247 -16.58 32.87 -0.52
N ALA A 248 -17.08 33.45 -1.58
CA ALA A 248 -16.68 33.09 -2.90
C ALA A 248 -15.23 33.33 -3.14
N ASP A 249 -14.68 34.31 -2.46
CA ASP A 249 -13.28 34.61 -2.61
C ASP A 249 -12.35 33.83 -1.67
N ASP A 250 -12.89 32.86 -0.96
CA ASP A 250 -12.16 32.02 -0.07
C ASP A 250 -11.87 30.70 -0.75
N HIS A 251 -10.96 30.69 -1.71
CA HIS A 251 -10.62 29.48 -2.44
C HIS A 251 -9.87 28.40 -1.67
N ALA A 252 -9.33 28.74 -0.52
CA ALA A 252 -8.67 27.83 0.35
C ALA A 252 -9.66 26.87 0.97
N ARG A 253 -10.88 27.30 1.20
CA ARG A 253 -11.89 26.47 1.82
C ARG A 253 -13.21 26.21 1.08
N ARG A 254 -13.62 27.11 0.21
CA ARG A 254 -14.94 26.97 -0.45
C ARG A 254 -14.99 25.75 -1.36
N PHE A 255 -16.17 25.16 -1.47
CA PHE A 255 -16.44 24.00 -2.28
C PHE A 255 -16.17 24.18 -3.76
N PHE A 256 -15.51 23.22 -4.40
CA PHE A 256 -15.23 23.26 -5.82
C PHE A 256 -15.92 22.12 -6.53
N GLU A 257 -15.65 20.88 -6.12
CA GLU A 257 -16.25 19.70 -6.72
C GLU A 257 -16.12 18.46 -5.85
N GLY A 258 -16.69 17.36 -6.31
CA GLY A 258 -16.55 16.05 -5.68
C GLY A 258 -16.93 15.88 -4.22
N PRO A 259 -18.16 16.18 -3.84
CA PRO A 259 -18.55 16.00 -2.46
C PRO A 259 -18.60 14.56 -2.03
N TRP A 260 -18.38 14.32 -0.78
CA TRP A 260 -18.51 12.98 -0.21
C TRP A 260 -18.96 13.16 1.22
N VAL A 261 -19.86 12.28 1.67
CA VAL A 261 -20.32 12.35 3.05
C VAL A 261 -20.19 10.99 3.71
N HIS A 262 -19.62 10.97 4.91
CA HIS A 262 -19.63 9.74 5.70
C HIS A 262 -20.08 10.04 7.13
N GLN A 263 -20.55 9.00 7.80
CA GLN A 263 -20.99 9.12 9.16
C GLN A 263 -19.99 8.52 10.12
N HIS A 264 -19.76 9.22 11.21
CA HIS A 264 -18.87 8.78 12.22
C HIS A 264 -19.18 9.49 13.49
N ALA A 265 -19.24 8.76 14.58
CA ALA A 265 -19.46 9.32 15.89
C ALA A 265 -20.65 10.25 16.00
N GLY A 266 -21.74 9.91 15.39
CA GLY A 266 -22.93 10.71 15.47
C GLY A 266 -22.93 12.00 14.74
N ARG A 267 -21.98 12.18 13.85
CA ARG A 267 -21.92 13.41 13.07
C ARG A 267 -21.76 13.05 11.60
N TYR A 268 -22.15 13.98 10.74
CA TYR A 268 -21.96 13.84 9.31
C TYR A 268 -20.71 14.60 8.90
N TYR A 269 -19.86 13.96 8.11
CA TYR A 269 -18.64 14.58 7.61
C TYR A 269 -18.77 14.83 6.13
N LEU A 270 -18.85 16.10 5.73
CA LEU A 270 -18.82 16.47 4.33
C LEU A 270 -17.40 16.78 3.92
N SER A 271 -16.86 16.07 2.93
CA SER A 271 -15.52 16.37 2.42
C SER A 271 -15.59 16.62 0.92
N TYR A 272 -14.66 17.40 0.42
CA TYR A 272 -14.68 17.84 -0.94
C TYR A 272 -13.39 18.45 -1.44
N SER A 273 -13.28 18.63 -2.72
CA SER A 273 -12.13 19.21 -3.33
C SER A 273 -12.27 20.72 -3.41
N THR A 274 -11.19 21.45 -3.24
CA THR A 274 -11.20 22.89 -3.32
C THR A 274 -10.72 23.39 -4.66
N GLY A 275 -10.49 22.47 -5.55
CA GLY A 275 -10.12 22.81 -6.90
C GLY A 275 -8.79 23.53 -7.09
N ASP A 276 -8.84 24.84 -7.21
CA ASP A 276 -7.65 25.62 -7.47
C ASP A 276 -6.65 25.74 -6.37
N THR A 277 -7.01 25.28 -5.18
CA THR A 277 -6.09 25.25 -4.08
C THR A 277 -5.71 23.81 -3.75
N HIS A 278 -6.22 22.91 -4.54
CA HIS A 278 -5.83 21.53 -4.49
C HIS A 278 -5.92 20.68 -3.26
N ARG A 279 -6.87 20.94 -2.39
CA ARG A 279 -7.04 20.12 -1.25
C ARG A 279 -8.36 19.45 -1.13
N ILE A 280 -8.39 18.43 -0.32
CA ILE A 280 -9.61 17.83 0.05
C ILE A 280 -9.82 18.39 1.44
N CYS A 281 -10.87 19.14 1.62
CA CYS A 281 -11.22 19.71 2.91
C CYS A 281 -12.43 19.01 3.49
N TYR A 282 -12.72 19.16 4.75
CA TYR A 282 -13.91 18.57 5.31
C TYR A 282 -14.59 19.51 6.30
N ALA A 283 -15.88 19.26 6.48
CA ALA A 283 -16.74 20.01 7.39
C ALA A 283 -17.70 19.05 8.06
N THR A 284 -18.23 19.45 9.20
CA THR A 284 -19.14 18.53 9.93
C THR A 284 -20.51 19.14 10.24
N SER A 285 -21.50 18.27 10.41
CA SER A 285 -22.88 18.66 10.75
C SER A 285 -23.58 17.56 11.54
N ASP A 286 -24.70 17.88 12.16
CA ASP A 286 -25.47 16.85 12.89
C ASP A 286 -26.59 16.41 11.94
N SER A 287 -26.62 16.98 10.74
CA SER A 287 -27.63 16.66 9.74
C SER A 287 -27.02 16.39 8.37
N PRO A 288 -27.59 15.42 7.62
CA PRO A 288 -27.13 15.17 6.24
C PRO A 288 -27.32 16.40 5.35
N TYR A 289 -28.24 17.27 5.71
CA TYR A 289 -28.50 18.46 4.97
C TYR A 289 -27.63 19.64 5.36
N GLY A 290 -26.84 19.49 6.39
CA GLY A 290 -26.04 20.60 6.89
C GLY A 290 -26.90 21.53 7.73
N PRO A 291 -26.43 22.78 7.94
CA PRO A 291 -25.15 23.32 7.45
C PRO A 291 -23.94 22.66 8.07
N PHE A 292 -22.87 22.54 7.29
CA PHE A 292 -21.62 21.92 7.72
C PHE A 292 -20.59 22.97 8.12
N THR A 293 -20.02 22.80 9.30
CA THR A 293 -18.97 23.76 9.75
C THR A 293 -17.59 23.26 9.33
N TYR A 294 -16.86 24.09 8.60
CA TYR A 294 -15.52 23.79 8.14
C TYR A 294 -14.62 23.36 9.25
N GLN A 295 -13.87 22.29 9.04
CA GLN A 295 -12.94 21.80 10.05
C GLN A 295 -11.50 22.01 9.62
N GLY A 296 -11.12 21.51 8.45
CA GLY A 296 -9.75 21.66 7.98
C GLY A 296 -9.43 20.89 6.73
N VAL A 297 -8.16 20.71 6.43
CA VAL A 297 -7.68 20.01 5.27
C VAL A 297 -7.50 18.55 5.58
N LEU A 298 -8.02 17.72 4.71
CA LEU A 298 -8.00 16.29 4.89
C LEU A 298 -6.91 15.65 4.04
N LEU A 299 -6.71 16.19 2.87
CA LEU A 299 -5.68 15.74 1.99
C LEU A 299 -4.93 16.91 1.45
N ALA A 300 -3.61 16.84 1.47
CA ALA A 300 -2.78 17.86 0.88
C ALA A 300 -2.72 17.68 -0.64
N PRO A 301 -2.18 18.66 -1.33
CA PRO A 301 -2.15 18.58 -2.77
C PRO A 301 -1.50 17.38 -3.39
N VAL A 302 -2.12 16.85 -4.42
CA VAL A 302 -1.59 15.71 -5.15
C VAL A 302 -0.99 16.16 -6.49
N VAL A 303 -0.25 15.28 -7.13
CA VAL A 303 0.31 15.54 -8.43
C VAL A 303 -0.83 15.50 -9.43
N GLY A 304 -0.88 16.47 -10.33
CA GLY A 304 -1.97 16.56 -11.26
C GLY A 304 -2.91 17.64 -10.77
N TRP A 305 -3.56 18.34 -11.65
CA TRP A 305 -4.38 19.48 -11.20
C TRP A 305 -5.53 19.02 -10.31
N THR A 306 -6.24 17.98 -10.73
CA THR A 306 -7.43 17.55 -10.01
C THR A 306 -7.11 16.74 -8.76
N THR A 307 -8.08 16.68 -7.86
CA THR A 307 -8.01 15.89 -6.66
C THR A 307 -9.43 15.43 -6.36
N HIS A 308 -9.62 14.15 -6.11
CA HIS A 308 -10.93 13.60 -5.87
C HIS A 308 -10.81 12.43 -4.92
N HIS A 309 -11.85 12.14 -4.16
CA HIS A 309 -11.70 11.10 -3.18
C HIS A 309 -12.96 10.50 -2.61
N SER A 310 -12.79 9.45 -1.84
CA SER A 310 -13.87 8.96 -1.01
C SER A 310 -13.30 8.51 0.33
N ILE A 311 -14.17 8.35 1.31
CA ILE A 311 -13.78 7.90 2.63
C ILE A 311 -14.67 6.72 3.03
N CYS A 312 -14.04 5.61 3.35
CA CYS A 312 -14.83 4.38 3.56
C CYS A 312 -14.26 3.51 4.67
N LEU A 313 -15.14 2.95 5.50
CA LEU A 313 -14.72 2.06 6.59
C LEU A 313 -14.72 0.63 6.07
N PHE A 314 -13.60 -0.07 6.21
CA PHE A 314 -13.45 -1.46 5.81
C PHE A 314 -12.90 -2.24 7.00
N GLN A 315 -13.72 -3.04 7.64
CA GLN A 315 -13.31 -3.78 8.81
C GLN A 315 -12.71 -2.90 9.92
N GLN A 316 -11.45 -3.11 10.25
CA GLN A 316 -10.80 -2.38 11.32
C GLN A 316 -10.22 -1.02 10.95
N GLN A 317 -10.55 -0.51 9.79
CA GLN A 317 -9.85 0.69 9.31
C GLN A 317 -10.68 1.59 8.42
N TRP A 318 -10.67 2.90 8.70
CA TRP A 318 -11.17 3.89 7.74
C TRP A 318 -10.08 4.14 6.71
N TYR A 319 -10.47 4.35 5.48
CA TYR A 319 -9.52 4.68 4.48
C TYR A 319 -9.90 5.88 3.67
N LEU A 320 -8.90 6.62 3.25
CA LEU A 320 -9.05 7.65 2.25
C LEU A 320 -8.67 7.06 0.90
N PHE A 321 -9.60 7.12 -0.05
CA PHE A 321 -9.30 6.76 -1.43
C PHE A 321 -9.14 8.04 -2.22
N TYR A 322 -8.09 8.14 -3.02
CA TYR A 322 -7.84 9.37 -3.74
C TYR A 322 -7.14 9.03 -5.04
N HIS A 323 -6.68 10.03 -5.77
CA HIS A 323 -5.90 9.77 -6.97
C HIS A 323 -4.81 10.80 -7.18
N ASP A 324 -3.85 10.47 -8.04
CA ASP A 324 -2.93 11.48 -8.54
C ASP A 324 -2.43 11.11 -9.93
N SER A 325 -1.52 11.90 -10.46
CA SER A 325 -1.06 11.73 -11.84
C SER A 325 0.38 11.26 -11.92
N VAL A 326 0.87 10.60 -10.87
CA VAL A 326 2.28 10.23 -10.83
C VAL A 326 2.58 9.13 -11.85
N LEU A 327 1.70 8.12 -11.91
CA LEU A 327 1.88 7.00 -12.83
C LEU A 327 2.04 7.45 -14.28
N SER A 328 1.30 8.48 -14.66
CA SER A 328 1.32 9.02 -16.02
C SER A 328 2.45 10.02 -16.24
N GLY A 329 3.26 10.25 -15.21
CA GLY A 329 4.32 11.25 -15.29
C GLY A 329 3.85 12.68 -15.12
N GLY A 330 2.79 12.87 -14.35
CA GLY A 330 2.29 14.19 -14.12
C GLY A 330 1.21 14.69 -15.02
N GLN A 331 0.62 13.82 -15.82
CA GLN A 331 -0.42 14.18 -16.72
C GLN A 331 -1.76 14.29 -16.02
N THR A 332 -2.31 15.49 -15.95
CA THR A 332 -3.55 15.74 -15.20
C THR A 332 -4.73 14.87 -15.64
N HIS A 333 -4.80 14.57 -16.90
CA HIS A 333 -5.91 13.80 -17.43
C HIS A 333 -5.75 12.30 -17.41
N LEU A 334 -4.59 11.84 -17.03
CA LEU A 334 -4.33 10.41 -16.92
C LEU A 334 -3.94 10.07 -15.48
N ARG A 335 -4.87 9.60 -14.70
CA ARG A 335 -4.60 9.40 -13.32
C ARG A 335 -4.55 7.96 -12.88
N SER A 336 -4.36 7.74 -11.59
CA SER A 336 -4.45 6.42 -10.98
C SER A 336 -4.95 6.57 -9.56
N ILE A 337 -5.86 5.70 -9.14
CA ILE A 337 -6.40 5.81 -7.79
C ILE A 337 -5.48 5.16 -6.76
N LYS A 338 -5.59 5.64 -5.53
CA LYS A 338 -4.74 5.22 -4.43
C LYS A 338 -5.56 5.12 -3.16
N MET A 339 -5.03 4.51 -2.12
CA MET A 339 -5.68 4.48 -0.83
C MET A 339 -4.69 4.66 0.28
N ALA A 340 -5.15 5.15 1.41
CA ALA A 340 -4.36 5.38 2.59
C ALA A 340 -5.19 5.30 3.87
N PRO A 341 -4.58 4.79 4.96
CA PRO A 341 -5.34 4.71 6.21
C PRO A 341 -5.70 6.07 6.78
N LEU A 342 -6.93 6.25 7.20
CA LEU A 342 -7.39 7.50 7.73
C LEU A 342 -7.84 7.33 9.15
N ALA A 343 -7.56 8.34 9.95
CA ALA A 343 -7.88 8.35 11.33
C ALA A 343 -8.71 9.49 11.84
N HIS A 344 -9.71 9.17 12.64
CA HIS A 344 -10.48 10.17 13.32
C HIS A 344 -9.90 10.24 14.69
N ALA A 345 -9.68 11.42 15.20
CA ALA A 345 -9.16 11.54 16.52
C ALA A 345 -10.29 11.51 17.52
N ALA A 346 -9.95 11.43 18.79
CA ALA A 346 -10.94 11.40 19.84
C ALA A 346 -11.92 12.56 19.81
N ASP A 347 -11.49 13.69 19.28
CA ASP A 347 -12.34 14.87 19.22
C ASP A 347 -13.09 14.97 17.90
N GLY A 348 -13.09 13.90 17.12
CA GLY A 348 -13.79 13.86 15.87
C GLY A 348 -13.05 14.39 14.68
N THR A 349 -11.99 15.10 14.90
CA THR A 349 -11.23 15.67 13.81
C THR A 349 -10.43 14.65 13.00
N ILE A 350 -10.06 15.01 11.80
CA ILE A 350 -9.31 14.13 10.93
C ILE A 350 -8.02 14.78 10.53
N ALA A 351 -6.93 14.12 10.83
CA ALA A 351 -5.63 14.63 10.53
C ALA A 351 -5.32 14.69 9.06
N THR A 352 -4.59 15.69 8.66
CA THR A 352 -4.24 15.84 7.29
C THR A 352 -3.38 14.69 6.79
N ILE A 353 -3.72 14.19 5.63
CA ILE A 353 -2.94 13.16 5.00
C ILE A 353 -2.05 13.83 3.97
N TYR A 354 -0.76 13.55 4.00
CA TYR A 354 0.20 14.12 3.08
C TYR A 354 0.60 12.98 2.17
N PRO A 355 0.19 13.05 0.92
CA PRO A 355 0.31 11.93 -0.03
C PRO A 355 1.76 11.64 -0.46
N TYR A 356 2.70 12.54 -0.21
CA TYR A 356 4.10 12.30 -0.56
C TYR A 356 4.97 12.53 0.67
N GLY A 357 4.34 12.49 1.85
CA GLY A 357 5.03 12.79 3.09
C GLY A 357 4.85 14.24 3.49
N GLU A 358 4.85 14.52 4.78
CA GLU A 358 4.64 15.88 5.24
C GLU A 358 5.85 16.77 4.90
N ASP A 359 7.01 16.15 4.75
CA ASP A 359 8.24 16.90 4.47
C ASP A 359 8.40 17.21 2.99
N ALA A 360 7.48 16.70 2.17
CA ALA A 360 7.61 16.86 0.73
C ALA A 360 7.32 18.29 0.28
N VAL A 361 7.95 18.68 -0.82
CA VAL A 361 7.62 19.92 -1.49
C VAL A 361 6.28 19.73 -2.20
N SER A 362 5.27 20.49 -1.77
CA SER A 362 3.93 20.34 -2.32
C SER A 362 3.93 20.62 -3.82
N PRO A 363 3.23 19.80 -4.58
CA PRO A 363 3.17 20.01 -6.01
C PRO A 363 2.39 21.27 -6.39
N TRP A 364 1.62 21.82 -5.48
CA TRP A 364 0.82 23.01 -5.73
C TRP A 364 0.96 24.00 -4.62
N LEU B 25 19.82 2.28 -13.09
CA LEU B 25 21.01 3.13 -13.09
C LEU B 25 20.69 4.56 -13.53
N GLN B 26 20.37 4.68 -14.81
CA GLN B 26 20.14 6.08 -15.18
C GLN B 26 18.73 6.53 -14.81
N ALA B 27 18.73 7.84 -14.56
CA ALA B 27 17.60 8.51 -13.93
C ALA B 27 16.29 8.26 -14.66
N ALA B 28 16.34 8.27 -15.99
CA ALA B 28 15.16 8.04 -16.82
C ALA B 28 14.53 6.68 -16.52
N SER B 29 15.36 5.63 -16.48
CA SER B 29 14.86 4.29 -16.19
C SER B 29 14.37 4.18 -14.75
N LEU B 30 15.05 4.85 -13.84
CA LEU B 30 14.64 4.84 -12.45
C LEU B 30 13.29 5.52 -12.25
N GLN B 31 13.11 6.66 -12.89
CA GLN B 31 11.85 7.36 -12.74
C GLN B 31 10.74 6.50 -13.28
N ALA B 32 10.97 5.78 -14.35
CA ALA B 32 10.00 4.86 -14.93
C ALA B 32 9.54 3.83 -13.91
N LEU B 33 10.50 3.24 -13.21
CA LEU B 33 10.20 2.20 -12.23
C LEU B 33 9.49 2.79 -11.00
N ALA B 34 9.86 3.98 -10.60
CA ALA B 34 9.21 4.59 -9.47
C ALA B 34 7.73 4.82 -9.70
N ARG B 35 7.40 5.19 -10.92
CA ARG B 35 6.01 5.45 -11.27
C ARG B 35 5.15 4.19 -11.27
N THR B 36 5.76 3.07 -11.66
CA THR B 36 5.00 1.82 -11.78
C THR B 36 5.25 0.87 -10.61
N ALA B 37 5.91 1.36 -9.57
CA ALA B 37 6.17 0.54 -8.39
C ALA B 37 4.84 0.08 -7.78
N ILE B 38 4.75 -1.19 -7.44
CA ILE B 38 3.53 -1.74 -6.92
C ILE B 38 3.32 -1.50 -5.48
N SER B 39 4.36 -1.08 -4.78
CA SER B 39 4.27 -0.82 -3.39
C SER B 39 4.97 0.47 -3.01
N ALA B 40 4.36 1.22 -2.10
CA ALA B 40 4.97 2.43 -1.58
C ALA B 40 5.91 2.05 -0.43
N PRO B 41 6.85 2.91 -0.09
CA PRO B 41 7.65 2.58 1.08
C PRO B 41 6.77 2.62 2.32
N LEU B 42 6.97 1.68 3.23
CA LEU B 42 6.16 1.60 4.45
C LEU B 42 6.45 2.74 5.42
N VAL B 43 7.71 3.17 5.46
CA VAL B 43 8.10 4.39 6.16
C VAL B 43 9.07 5.16 5.26
N THR B 44 9.16 6.45 5.48
CA THR B 44 10.06 7.26 4.72
C THR B 44 10.83 8.23 5.56
N HIS B 45 10.64 8.24 6.87
CA HIS B 45 11.36 9.17 7.71
C HIS B 45 12.73 8.65 8.07
N LEU B 46 12.90 7.36 7.94
CA LEU B 46 14.19 6.70 8.09
C LEU B 46 14.33 5.68 6.96
N TYR B 47 15.55 5.27 6.67
CA TYR B 47 15.76 4.24 5.68
C TYR B 47 15.72 2.88 6.34
N THR B 48 15.02 1.95 5.75
CA THR B 48 14.87 0.61 6.33
C THR B 48 15.16 -0.48 5.30
N ALA B 49 15.54 -1.65 5.79
CA ALA B 49 15.86 -2.76 4.90
C ALA B 49 15.67 -4.10 5.58
N ASP B 50 15.76 -5.18 4.81
CA ASP B 50 15.80 -6.54 5.35
C ASP B 50 14.62 -6.85 6.27
N PRO B 51 13.39 -6.64 5.79
CA PRO B 51 12.24 -6.69 6.69
C PRO B 51 11.90 -8.11 7.15
N SER B 52 11.90 -8.34 8.46
CA SER B 52 11.41 -9.60 9.02
C SER B 52 10.06 -9.38 9.70
N ALA B 53 9.00 -9.92 9.10
CA ALA B 53 7.66 -9.65 9.57
C ALA B 53 7.08 -10.83 10.33
N HIS B 54 6.47 -10.52 11.47
CA HIS B 54 5.86 -11.55 12.36
C HIS B 54 4.55 -11.04 12.93
N VAL B 55 3.63 -11.96 13.15
CA VAL B 55 2.36 -11.60 13.83
C VAL B 55 2.54 -11.99 15.29
N PHE B 56 2.74 -11.01 16.14
CA PHE B 56 2.91 -11.22 17.57
C PHE B 56 1.77 -10.56 18.32
N ASP B 57 1.12 -11.30 19.20
CA ASP B 57 0.11 -10.74 20.09
C ASP B 57 -0.94 -9.95 19.33
N GLY B 58 -1.40 -10.52 18.21
CA GLY B 58 -2.47 -9.93 17.43
C GLY B 58 -2.09 -8.87 16.41
N ALA B 59 -0.86 -8.39 16.47
CA ALA B 59 -0.42 -7.33 15.56
C ALA B 59 0.77 -7.79 14.73
N LEU B 60 0.98 -7.11 13.61
CA LEU B 60 2.13 -7.37 12.75
C LEU B 60 3.30 -6.51 13.19
N TYR B 61 4.40 -7.16 13.52
CA TYR B 61 5.62 -6.49 13.92
C TYR B 61 6.67 -6.73 12.85
N ILE B 62 7.38 -5.69 12.46
CA ILE B 62 8.41 -5.86 11.46
C ILE B 62 9.75 -5.46 12.07
N TYR B 63 10.75 -6.31 11.83
CA TYR B 63 12.08 -6.11 12.37
C TYR B 63 13.05 -5.94 11.21
N PRO B 64 13.30 -4.68 10.81
CA PRO B 64 14.15 -4.39 9.67
C PRO B 64 15.53 -3.86 10.06
N SER B 65 16.42 -3.78 9.09
CA SER B 65 17.66 -3.02 9.28
C SER B 65 17.36 -1.53 9.25
N HIS B 66 18.30 -0.71 9.67
CA HIS B 66 18.16 0.73 9.66
C HIS B 66 19.35 1.34 8.97
N ASP B 67 19.20 1.71 7.73
CA ASP B 67 20.27 2.22 6.94
C ASP B 67 20.62 3.63 7.33
N LEU B 68 21.90 3.95 7.32
CA LEU B 68 22.37 5.29 7.65
C LEU B 68 23.29 5.80 6.59
N ASP B 69 23.35 7.11 6.43
CA ASP B 69 24.25 7.71 5.45
C ASP B 69 25.66 7.86 6.04
N SER B 79 29.33 1.07 -2.32
CA SER B 79 28.48 1.40 -1.18
C SER B 79 28.83 0.55 0.05
N HIS B 80 28.86 1.17 1.22
CA HIS B 80 29.15 0.48 2.45
C HIS B 80 27.90 0.38 3.33
N PHE B 81 27.67 -0.78 3.91
CA PHE B 81 26.55 -1.01 4.79
C PHE B 81 27.05 -0.94 6.21
N ASP B 82 26.95 0.24 6.79
CA ASP B 82 27.52 0.49 8.10
C ASP B 82 26.43 0.81 9.13
N MET B 83 25.37 0.02 9.14
CA MET B 83 24.26 0.23 10.05
C MET B 83 24.64 0.00 11.50
N ALA B 84 23.96 0.67 12.41
CA ALA B 84 24.37 0.63 13.81
C ALA B 84 23.24 0.26 14.77
N ASP B 85 21.98 0.36 14.35
CA ASP B 85 20.87 0.10 15.24
C ASP B 85 19.65 -0.49 14.58
N TYR B 86 18.68 -0.88 15.39
CA TYR B 86 17.42 -1.45 14.92
C TYR B 86 16.22 -0.69 15.46
N HIS B 87 15.22 -0.52 14.63
CA HIS B 87 13.92 -0.05 15.07
C HIS B 87 12.96 -1.23 14.93
N VAL B 88 11.77 -1.07 15.46
CA VAL B 88 10.73 -2.06 15.29
C VAL B 88 9.53 -1.29 14.75
N LEU B 89 8.90 -1.81 13.73
CA LEU B 89 7.72 -1.19 13.13
C LEU B 89 6.49 -2.03 13.43
N ARG B 90 5.31 -1.42 13.37
CA ARG B 90 4.11 -2.15 13.66
C ARG B 90 2.88 -1.74 12.89
N MET B 91 2.18 -2.73 12.37
CA MET B 91 0.84 -2.54 11.82
C MET B 91 -0.14 -3.23 12.76
N ALA B 92 -1.00 -2.45 13.39
CA ALA B 92 -1.93 -2.95 14.35
C ALA B 92 -2.87 -3.96 13.83
N HIS B 93 -3.22 -3.78 12.60
CA HIS B 93 -4.12 -4.65 11.90
C HIS B 93 -3.90 -4.47 10.42
N PRO B 94 -4.53 -5.31 9.61
CA PRO B 94 -4.31 -5.18 8.18
C PRO B 94 -4.72 -3.82 7.67
N GLY B 95 -3.88 -3.22 6.84
CA GLY B 95 -4.16 -1.92 6.30
C GLY B 95 -3.91 -0.74 7.17
N ALA B 96 -3.44 -0.98 8.36
CA ALA B 96 -3.19 0.11 9.26
C ALA B 96 -1.99 0.90 8.89
N ALA B 97 -1.85 2.07 9.48
CA ALA B 97 -0.68 2.88 9.27
C ALA B 97 0.47 2.20 9.98
N VAL B 98 1.66 2.35 9.45
CA VAL B 98 2.83 1.73 10.03
C VAL B 98 3.43 2.60 11.10
N GLU B 99 3.55 2.07 12.30
CA GLU B 99 4.11 2.79 13.41
C GLU B 99 5.58 2.52 13.61
N ASP B 100 6.36 3.59 13.66
CA ASP B 100 7.75 3.48 14.05
C ASP B 100 7.81 3.46 15.58
N LEU B 101 8.09 2.31 16.14
CA LEU B 101 8.16 2.16 17.55
C LEU B 101 9.47 2.61 18.14
N GLY B 102 10.35 3.12 17.31
CA GLY B 102 11.61 3.67 17.75
C GLY B 102 12.77 2.69 17.80
N GLN B 103 13.93 3.20 18.13
CA GLN B 103 15.14 2.43 18.24
C GLN B 103 15.08 1.50 19.41
N VAL B 104 15.48 0.25 19.23
CA VAL B 104 15.36 -0.78 20.30
C VAL B 104 16.70 -1.45 20.62
N LEU B 105 17.71 -1.24 19.80
CA LEU B 105 19.03 -1.84 20.05
C LEU B 105 20.08 -1.05 19.26
N HIS B 106 21.20 -0.76 19.91
CA HIS B 106 22.32 -0.05 19.26
C HIS B 106 23.58 -0.86 19.50
N VAL B 107 24.44 -0.92 18.51
CA VAL B 107 25.66 -1.72 18.59
C VAL B 107 26.54 -1.24 19.76
N ARG B 108 26.37 0.00 20.17
CA ARG B 108 27.16 0.55 21.30
C ARG B 108 26.75 -0.20 22.56
N ASP B 109 25.55 -0.77 22.54
CA ASP B 109 25.04 -1.53 23.70
C ASP B 109 25.19 -3.03 23.46
N VAL B 110 25.86 -3.39 22.38
CA VAL B 110 26.18 -4.78 22.15
C VAL B 110 27.65 -5.01 22.47
N PRO B 111 27.92 -5.66 23.61
CA PRO B 111 29.28 -5.77 24.18
C PRO B 111 30.28 -6.48 23.26
N TRP B 112 29.82 -7.52 22.56
CA TRP B 112 30.72 -8.34 21.76
C TRP B 112 30.92 -7.83 20.34
N ALA B 113 30.09 -6.89 19.92
CA ALA B 113 30.11 -6.39 18.57
C ALA B 113 30.63 -5.00 18.39
N GLN B 114 31.25 -4.75 17.26
CA GLN B 114 31.79 -3.45 16.99
C GLN B 114 30.99 -2.64 16.03
N ARG B 115 30.50 -3.27 14.98
CA ARG B 115 29.85 -2.54 13.90
C ARG B 115 28.99 -3.42 13.03
N GLN B 116 28.24 -2.77 12.14
CA GLN B 116 27.48 -3.44 11.08
C GLN B 116 26.42 -4.39 11.62
N MET B 117 25.36 -3.76 12.12
CA MET B 117 24.13 -4.45 12.52
C MET B 117 23.28 -4.71 11.28
N TRP B 118 23.43 -5.90 10.73
CA TRP B 118 22.76 -6.31 9.52
C TRP B 118 21.39 -6.97 9.73
N ALA B 119 20.85 -7.58 8.68
CA ALA B 119 19.48 -8.12 8.67
C ALA B 119 19.08 -8.93 9.90
N PRO B 120 18.14 -8.41 10.70
CA PRO B 120 17.71 -9.05 11.94
C PRO B 120 16.45 -9.92 11.80
N ASP B 121 16.10 -10.60 12.89
CA ASP B 121 14.82 -11.29 12.98
C ASP B 121 14.41 -11.44 14.44
N ALA B 122 13.19 -11.86 14.68
CA ALA B 122 12.68 -11.98 16.04
C ALA B 122 11.90 -13.27 16.22
N ALA B 123 11.81 -13.70 17.48
CA ALA B 123 10.96 -14.83 17.83
C ALA B 123 10.35 -14.62 19.22
N GLN B 124 9.37 -15.42 19.57
CA GLN B 124 8.75 -15.29 20.85
C GLN B 124 8.61 -16.66 21.48
N ARG B 125 8.94 -16.74 22.75
CA ARG B 125 8.85 -17.95 23.56
C ARG B 125 9.07 -17.52 24.99
N ASN B 126 8.59 -18.33 25.94
CA ASN B 126 8.83 -18.09 27.35
C ASN B 126 8.29 -16.74 27.81
N GLY B 127 7.29 -16.22 27.13
CA GLY B 127 6.72 -14.94 27.47
C GLY B 127 7.58 -13.77 27.09
N LYS B 128 8.65 -14.02 26.39
CA LYS B 128 9.52 -12.94 26.01
C LYS B 128 9.69 -12.84 24.51
N THR B 129 10.31 -11.77 24.05
CA THR B 129 10.59 -11.61 22.64
C THR B 129 12.09 -11.57 22.48
N TYR B 130 12.60 -12.26 21.49
CA TYR B 130 14.03 -12.38 21.26
C TYR B 130 14.41 -11.81 19.92
N LEU B 131 15.33 -10.85 19.92
CA LEU B 131 15.80 -10.20 18.69
C LEU B 131 17.15 -10.79 18.32
N TYR B 132 17.18 -11.51 17.19
CA TYR B 132 18.39 -12.13 16.67
C TYR B 132 19.00 -11.23 15.61
N PHE B 133 20.31 -11.04 15.68
CA PHE B 133 20.93 -10.02 14.84
C PHE B 133 22.37 -10.38 14.49
N PRO B 134 22.75 -10.12 13.24
CA PRO B 134 24.13 -10.32 12.79
C PRO B 134 24.94 -9.06 12.98
N ALA B 135 26.15 -9.20 13.50
CA ALA B 135 27.02 -8.04 13.67
C ALA B 135 28.48 -8.48 13.72
N LYS B 136 29.37 -7.54 13.43
CA LYS B 136 30.80 -7.82 13.32
C LYS B 136 31.53 -7.58 14.64
N ARG B 137 32.36 -8.54 15.04
CA ARG B 137 33.30 -8.36 16.14
C ARG B 137 34.37 -7.35 15.75
N ALA B 138 35.18 -6.95 16.71
CA ALA B 138 36.25 -5.99 16.47
C ALA B 138 37.29 -6.51 15.53
N ASP B 139 37.24 -7.78 15.23
CA ASP B 139 38.19 -8.34 14.32
C ASP B 139 37.59 -8.59 12.98
N GLY B 140 36.46 -7.99 12.73
CA GLY B 140 35.78 -8.04 11.44
C GLY B 140 35.01 -9.31 11.12
N MET B 141 34.84 -10.21 12.07
CA MET B 141 34.10 -11.41 11.82
C MET B 141 32.65 -11.34 12.26
N PHE B 142 31.74 -11.74 11.40
CA PHE B 142 30.31 -11.77 11.72
C PHE B 142 29.96 -12.94 12.61
N GLN B 143 29.09 -12.69 13.56
CA GLN B 143 28.45 -13.72 14.38
C GLN B 143 27.01 -13.27 14.63
N ILE B 144 26.17 -14.16 15.10
CA ILE B 144 24.79 -13.80 15.41
C ILE B 144 24.56 -13.80 16.91
N GLY B 145 24.02 -12.71 17.41
CA GLY B 145 23.68 -12.57 18.78
C GLY B 145 22.20 -12.45 18.99
N VAL B 146 21.78 -12.46 20.25
CA VAL B 146 20.40 -12.34 20.58
C VAL B 146 20.22 -11.28 21.63
N ALA B 147 19.15 -10.50 21.53
CA ALA B 147 18.79 -9.55 22.56
C ALA B 147 17.39 -9.89 23.07
N VAL B 148 17.20 -9.80 24.38
CA VAL B 148 15.97 -10.26 25.01
C VAL B 148 15.11 -9.09 25.48
N GLY B 149 13.80 -9.16 25.23
CA GLY B 149 12.89 -8.12 25.65
C GLY B 149 11.63 -8.71 26.27
N ASP B 150 10.86 -7.87 26.94
CA ASP B 150 9.66 -8.30 27.57
C ASP B 150 8.50 -8.16 26.64
N ARG B 151 8.63 -7.30 25.67
CA ARG B 151 7.55 -7.27 24.74
C ARG B 151 8.12 -7.10 23.36
N PRO B 152 7.27 -7.33 22.36
CA PRO B 152 7.65 -7.33 20.96
C PRO B 152 8.15 -5.99 20.42
N GLU B 153 7.77 -4.88 21.07
CA GLU B 153 8.22 -3.54 20.76
C GLU B 153 9.54 -3.28 21.42
N GLY B 154 9.94 -4.10 22.34
CA GLY B 154 11.17 -3.87 23.00
C GLY B 154 11.13 -2.94 24.18
N PRO B 155 12.27 -2.40 24.58
CA PRO B 155 13.56 -2.53 23.92
C PRO B 155 14.25 -3.81 24.31
N PHE B 156 15.29 -4.16 23.58
CA PHE B 156 15.98 -5.39 23.80
C PHE B 156 17.35 -5.25 24.39
N VAL B 157 17.67 -6.13 25.30
CA VAL B 157 18.96 -6.12 25.98
C VAL B 157 19.85 -7.26 25.46
N ALA B 158 20.96 -6.88 24.83
CA ALA B 158 21.82 -7.86 24.19
C ALA B 158 22.50 -8.78 25.19
N GLU B 159 22.65 -10.03 24.82
CA GLU B 159 23.44 -10.96 25.57
C GLU B 159 24.90 -10.52 25.38
N PRO B 160 25.72 -10.78 26.37
CA PRO B 160 27.08 -10.21 26.35
C PRO B 160 28.01 -10.87 25.32
N GLN B 161 27.71 -12.09 24.92
CA GLN B 161 28.45 -12.75 23.90
C GLN B 161 27.48 -13.21 22.82
N PRO B 162 27.98 -13.52 21.63
CA PRO B 162 27.16 -14.02 20.55
C PRO B 162 26.70 -15.46 20.76
N ILE B 163 25.76 -15.91 19.97
CA ILE B 163 25.27 -17.26 20.10
C ILE B 163 26.30 -18.23 19.62
N ALA B 164 26.71 -19.13 20.47
CA ALA B 164 27.70 -20.10 20.15
C ALA B 164 27.24 -21.00 19.03
N GLY B 165 28.11 -21.22 18.06
CA GLY B 165 27.79 -22.03 16.94
C GLY B 165 27.31 -21.25 15.74
N THR B 166 27.21 -19.94 15.90
CA THR B 166 26.76 -19.09 14.81
C THR B 166 27.93 -18.32 14.21
N TYR B 167 27.72 -17.80 13.02
CA TYR B 167 28.73 -17.15 12.21
C TYR B 167 27.99 -16.69 10.97
N SER B 168 28.66 -15.93 10.11
CA SER B 168 28.00 -15.33 8.95
C SER B 168 26.80 -14.48 9.41
N ILE B 169 25.76 -14.36 8.58
CA ILE B 169 24.77 -13.31 8.78
C ILE B 169 23.32 -13.74 8.58
N ASP B 170 22.41 -12.77 8.61
CA ASP B 170 21.02 -12.94 8.19
C ASP B 170 20.22 -14.03 8.91
N PRO B 171 20.07 -13.93 10.24
CA PRO B 171 19.26 -14.92 10.94
C PRO B 171 17.78 -14.86 10.55
N ALA B 172 17.17 -16.04 10.47
CA ALA B 172 15.71 -16.16 10.39
C ALA B 172 15.29 -17.25 11.35
N VAL B 173 14.35 -16.93 12.25
CA VAL B 173 13.88 -17.93 13.21
C VAL B 173 12.46 -18.36 12.87
N LEU B 174 12.32 -19.64 12.51
CA LEU B 174 11.03 -20.23 12.20
C LEU B 174 10.37 -20.84 13.43
N ALA B 175 9.16 -20.38 13.72
CA ALA B 175 8.39 -20.94 14.81
C ALA B 175 7.54 -21.99 14.16
N ASP B 176 7.95 -23.23 14.22
CA ASP B 176 7.25 -24.36 13.62
C ASP B 176 5.91 -24.57 14.33
N ASP B 177 4.91 -25.04 13.58
CA ASP B 177 3.60 -25.33 14.13
C ASP B 177 3.68 -26.38 15.22
N ASP B 178 4.70 -27.23 15.16
CA ASP B 178 4.83 -28.31 16.13
C ASP B 178 5.49 -27.86 17.44
N GLY B 179 5.83 -26.57 17.52
CA GLY B 179 6.33 -25.99 18.75
C GLY B 179 7.82 -25.70 18.78
N ALA B 180 8.57 -26.32 17.87
CA ALA B 180 10.01 -26.10 17.81
C ALA B 180 10.36 -24.76 17.16
N HIS B 181 11.55 -24.26 17.46
CA HIS B 181 12.09 -23.09 16.80
C HIS B 181 13.38 -23.46 16.07
N TYR B 182 13.54 -22.97 14.84
CA TYR B 182 14.75 -23.24 14.07
C TYR B 182 15.42 -21.94 13.66
N LEU B 183 16.74 -21.88 13.79
CA LEU B 183 17.52 -20.76 13.30
C LEU B 183 18.14 -21.11 11.96
N TYR B 184 17.81 -20.32 10.93
CA TYR B 184 18.47 -20.41 9.64
C TYR B 184 19.39 -19.21 9.51
N PHE B 185 20.58 -19.40 8.96
CA PHE B 185 21.45 -18.25 8.74
C PHE B 185 22.41 -18.47 7.58
N GLY B 186 23.07 -17.40 7.14
CA GLY B 186 24.10 -17.52 6.12
C GLY B 186 24.02 -16.45 5.06
N GLY B 187 25.17 -16.10 4.54
CA GLY B 187 25.30 -15.14 3.45
C GLY B 187 26.68 -15.27 2.87
N ILE B 188 26.84 -15.33 1.56
CA ILE B 188 28.22 -15.42 1.02
C ILE B 188 28.74 -14.02 0.70
N TRP B 189 29.86 -13.93 -0.01
CA TRP B 189 30.53 -12.64 -0.30
C TRP B 189 30.80 -11.94 1.02
N GLY B 190 30.18 -10.79 1.27
CA GLY B 190 30.41 -10.06 2.53
C GLY B 190 29.89 -10.74 3.78
N GLY B 191 28.97 -11.71 3.67
CA GLY B 191 28.41 -12.41 4.82
C GLY B 191 29.36 -13.42 5.45
N GLN B 192 30.42 -13.79 4.74
CA GLN B 192 31.54 -14.66 5.18
C GLN B 192 31.19 -16.15 5.30
N LEU B 193 30.04 -16.61 4.82
CA LEU B 193 29.71 -18.06 4.94
C LEU B 193 30.72 -18.92 4.18
N GLN B 194 31.27 -18.42 3.09
CA GLN B 194 32.22 -19.18 2.25
C GLN B 194 33.47 -19.57 3.04
N HIS B 195 33.68 -19.00 4.20
CA HIS B 195 34.88 -19.30 5.00
C HIS B 195 34.62 -20.43 5.99
N TYR B 196 33.46 -21.07 5.92
CA TYR B 196 33.14 -22.12 6.89
C TYR B 196 32.75 -23.42 6.21
N ARG B 197 33.15 -24.50 6.84
CA ARG B 197 32.83 -25.88 6.47
C ARG B 197 32.60 -26.58 7.80
N ASP B 198 31.47 -27.24 7.93
CA ASP B 198 31.12 -27.95 9.13
C ASP B 198 31.23 -27.11 10.38
N ASN B 199 30.71 -25.90 10.34
CA ASN B 199 30.73 -24.92 11.42
C ASN B 199 32.09 -24.43 11.84
N ALA B 200 33.12 -24.75 11.05
CA ALA B 200 34.48 -24.34 11.39
C ALA B 200 35.07 -23.38 10.36
N TYR B 201 35.69 -22.32 10.85
CA TYR B 201 36.33 -21.31 9.97
C TYR B 201 37.73 -21.77 9.55
N ALA B 202 38.14 -21.32 8.38
CA ALA B 202 39.50 -21.48 7.82
C ALA B 202 39.72 -20.27 6.93
N GLN B 203 40.88 -19.63 6.97
CA GLN B 203 41.08 -18.48 6.06
C GLN B 203 40.94 -18.97 4.60
N THR B 204 41.53 -20.14 4.31
CA THR B 204 41.61 -20.66 2.94
C THR B 204 40.28 -21.23 2.46
N HIS B 205 39.27 -21.35 3.31
CA HIS B 205 37.95 -21.81 2.80
C HIS B 205 37.42 -20.72 1.90
N GLN B 206 37.14 -21.03 0.64
CA GLN B 206 36.61 -19.99 -0.25
C GLN B 206 35.27 -20.43 -0.82
N GLU B 207 34.58 -19.51 -1.46
CA GLU B 207 33.29 -19.81 -2.07
C GLU B 207 33.59 -20.80 -3.16
N PRO B 208 32.81 -22.03 -3.40
CA PRO B 208 32.93 -23.06 -4.42
C PRO B 208 32.65 -22.53 -5.80
N VAL B 209 33.21 -23.17 -6.82
CA VAL B 209 33.03 -22.70 -8.19
C VAL B 209 32.61 -23.85 -9.09
N GLY B 210 32.14 -23.53 -10.26
CA GLY B 210 31.78 -24.51 -11.23
C GLY B 210 30.81 -25.57 -10.84
N ASP B 211 31.23 -26.81 -11.04
CA ASP B 211 30.40 -27.97 -10.77
C ASP B 211 30.27 -28.37 -9.37
N ALA B 212 31.05 -27.74 -8.50
CA ALA B 212 30.93 -27.96 -7.07
C ALA B 212 29.57 -27.48 -6.58
N PRO B 213 28.99 -28.16 -5.62
CA PRO B 213 27.71 -27.69 -5.16
C PRO B 213 27.86 -26.35 -4.49
N ALA B 214 26.83 -25.54 -4.63
CA ALA B 214 26.84 -24.26 -4.02
C ALA B 214 26.61 -24.40 -2.57
N LEU B 215 27.12 -23.44 -1.81
CA LEU B 215 26.86 -23.45 -0.37
C LEU B 215 25.39 -23.11 -0.14
N GLY B 216 24.81 -23.72 0.87
CA GLY B 216 23.46 -23.42 1.26
C GLY B 216 23.45 -22.72 2.60
N PRO B 217 22.26 -22.32 3.09
CA PRO B 217 22.20 -21.72 4.42
C PRO B 217 22.42 -22.76 5.54
N ARG B 218 22.59 -22.32 6.76
CA ARG B 218 22.73 -23.22 7.87
C ARG B 218 21.43 -23.29 8.65
N VAL B 219 21.14 -24.41 9.27
CA VAL B 219 19.96 -24.54 10.09
C VAL B 219 20.29 -25.26 11.40
N ALA B 220 19.76 -24.75 12.50
CA ALA B 220 19.95 -25.38 13.81
C ALA B 220 18.73 -25.15 14.69
N ARG B 221 18.21 -26.21 15.30
CA ARG B 221 17.09 -26.05 16.21
C ARG B 221 17.54 -25.22 17.41
N LEU B 222 16.71 -24.30 17.82
CA LEU B 222 17.05 -23.50 18.94
C LEU B 222 16.71 -24.22 20.20
N HIS B 223 17.40 -23.85 21.27
CA HIS B 223 17.11 -24.39 22.58
C HIS B 223 15.86 -23.70 23.08
N GLU B 224 15.21 -24.27 24.07
CA GLU B 224 13.97 -23.70 24.61
C GLU B 224 14.22 -22.36 25.31
N ARG B 225 15.41 -22.18 25.86
CA ARG B 225 15.82 -20.93 26.48
C ARG B 225 16.03 -19.85 25.42
N MET B 226 15.98 -20.26 24.15
CA MET B 226 16.11 -19.41 22.97
C MET B 226 17.37 -18.61 22.69
N ILE B 227 18.35 -18.63 23.57
CA ILE B 227 19.55 -17.87 23.39
C ILE B 227 20.73 -18.73 23.06
N ASP B 228 20.50 -20.01 22.95
CA ASP B 228 21.50 -20.99 22.61
C ASP B 228 20.94 -21.93 21.60
N LEU B 229 21.80 -22.53 20.81
CA LEU B 229 21.35 -23.52 19.87
C LEU B 229 21.16 -24.83 20.58
N ALA B 230 20.31 -25.68 20.07
CA ALA B 230 20.13 -26.97 20.69
C ALA B 230 21.00 -28.01 20.03
N GLU B 231 21.62 -27.65 18.93
CA GLU B 231 22.44 -28.56 18.15
C GLU B 231 23.39 -27.75 17.29
N PRO B 232 24.50 -28.37 16.86
CA PRO B 232 25.33 -27.68 15.85
C PRO B 232 24.52 -27.54 14.57
N SER B 233 24.80 -26.52 13.77
CA SER B 233 23.98 -26.28 12.60
C SER B 233 24.35 -27.24 11.47
N ARG B 234 23.40 -27.49 10.58
CA ARG B 234 23.64 -28.35 9.44
C ARG B 234 23.48 -27.57 8.17
N GLU B 235 24.00 -28.08 7.08
CA GLU B 235 23.80 -27.40 5.84
C GLU B 235 22.45 -27.74 5.28
N VAL B 236 21.79 -26.74 4.72
CA VAL B 236 20.51 -26.93 4.07
C VAL B 236 20.82 -27.07 2.61
N VAL B 237 20.37 -28.15 2.01
CA VAL B 237 20.64 -28.43 0.62
C VAL B 237 19.48 -28.02 -0.28
N ILE B 238 19.77 -27.34 -1.37
CA ILE B 238 18.76 -26.95 -2.30
C ILE B 238 19.01 -27.72 -3.59
N LEU B 239 18.03 -28.49 -3.99
CA LEU B 239 18.14 -29.31 -5.15
C LEU B 239 17.46 -28.74 -6.36
N ASP B 240 17.88 -29.19 -7.52
CA ASP B 240 17.27 -28.78 -8.76
C ASP B 240 16.11 -29.71 -9.12
N GLU B 241 15.56 -29.54 -10.29
CA GLU B 241 14.39 -30.32 -10.71
C GLU B 241 14.70 -31.81 -10.84
N HIS B 242 15.98 -32.15 -11.02
CA HIS B 242 16.37 -33.54 -11.19
C HIS B 242 16.89 -34.16 -9.89
N GLY B 243 16.81 -33.44 -8.79
CA GLY B 243 17.29 -33.95 -7.54
C GLY B 243 18.78 -33.74 -7.27
N THR B 244 19.41 -32.91 -8.06
CA THR B 244 20.83 -32.64 -7.90
C THR B 244 21.05 -31.30 -7.22
N PRO B 245 21.96 -31.22 -6.28
CA PRO B 245 22.18 -29.94 -5.63
C PRO B 245 22.60 -28.85 -6.59
N LEU B 246 22.14 -27.64 -6.35
CA LEU B 246 22.51 -26.53 -7.19
C LEU B 246 24.01 -26.33 -7.25
N ARG B 247 24.49 -26.04 -8.44
CA ARG B 247 25.87 -25.83 -8.69
C ARG B 247 26.30 -24.44 -8.25
N ALA B 248 27.56 -24.33 -7.89
CA ALA B 248 28.14 -23.09 -7.50
C ALA B 248 28.06 -22.07 -8.61
N ASP B 249 28.11 -22.51 -9.84
CA ASP B 249 28.05 -21.61 -10.96
C ASP B 249 26.67 -21.27 -11.44
N ASP B 250 25.67 -21.77 -10.77
CA ASP B 250 24.31 -21.52 -11.14
C ASP B 250 23.79 -20.37 -10.33
N HIS B 251 24.31 -19.19 -10.60
CA HIS B 251 23.92 -17.98 -9.89
C HIS B 251 22.47 -17.52 -10.01
N ALA B 252 21.73 -18.02 -10.98
CA ALA B 252 20.35 -17.71 -11.12
C ALA B 252 19.52 -18.33 -10.03
N ARG B 253 19.95 -19.45 -9.45
CA ARG B 253 19.19 -20.11 -8.43
C ARG B 253 19.88 -20.38 -7.10
N ARG B 254 21.20 -20.43 -7.11
CA ARG B 254 21.93 -20.83 -5.89
C ARG B 254 21.75 -19.81 -4.76
N PHE B 255 21.77 -20.30 -3.52
CA PHE B 255 21.60 -19.47 -2.32
C PHE B 255 22.73 -18.46 -2.19
N PHE B 256 22.38 -17.22 -1.87
CA PHE B 256 23.38 -16.14 -1.66
C PHE B 256 23.28 -15.65 -0.23
N GLU B 257 22.10 -15.17 0.16
CA GLU B 257 21.90 -14.68 1.50
C GLU B 257 20.43 -14.57 1.92
N GLY B 258 20.20 -14.22 3.16
CA GLY B 258 18.87 -13.93 3.66
C GLY B 258 17.85 -15.05 3.55
N PRO B 259 18.13 -16.21 4.15
CA PRO B 259 17.15 -17.29 4.15
C PRO B 259 15.90 -16.91 4.92
N TRP B 260 14.76 -17.45 4.50
CA TRP B 260 13.50 -17.30 5.22
C TRP B 260 12.72 -18.58 5.03
N VAL B 261 12.02 -19.02 6.06
CA VAL B 261 11.20 -20.22 5.93
C VAL B 261 9.81 -19.97 6.49
N HIS B 262 8.81 -20.42 5.75
CA HIS B 262 7.46 -20.38 6.21
C HIS B 262 6.78 -21.68 5.87
N GLN B 263 5.75 -21.98 6.62
CA GLN B 263 4.96 -23.19 6.45
C GLN B 263 3.63 -22.90 5.79
N HIS B 264 3.29 -23.72 4.83
CA HIS B 264 2.04 -23.61 4.13
C HIS B 264 1.74 -24.94 3.47
N ALA B 265 0.51 -25.41 3.61
CA ALA B 265 0.03 -26.68 3.05
C ALA B 265 0.90 -27.85 3.40
N GLY B 266 1.32 -27.92 4.65
CA GLY B 266 2.16 -29.00 5.11
C GLY B 266 3.57 -29.10 4.57
N ARG B 267 4.05 -28.06 3.89
CA ARG B 267 5.39 -28.08 3.38
C ARG B 267 6.14 -26.86 3.90
N TYR B 268 7.46 -26.90 3.81
CA TYR B 268 8.29 -25.81 4.25
C TYR B 268 8.79 -25.10 3.01
N TYR B 269 8.70 -23.79 3.01
CA TYR B 269 9.14 -23.02 1.89
C TYR B 269 10.37 -22.24 2.28
N LEU B 270 11.50 -22.57 1.70
CA LEU B 270 12.73 -21.82 1.93
C LEU B 270 12.86 -20.79 0.83
N SER B 271 12.91 -19.53 1.21
CA SER B 271 13.09 -18.46 0.22
C SER B 271 14.35 -17.64 0.56
N TYR B 272 15.01 -17.12 -0.45
CA TYR B 272 16.27 -16.46 -0.28
C TYR B 272 16.68 -15.59 -1.43
N SER B 273 17.66 -14.75 -1.20
CA SER B 273 18.21 -13.90 -2.20
C SER B 273 19.28 -14.64 -2.98
N THR B 274 19.41 -14.35 -4.25
CA THR B 274 20.39 -14.92 -5.12
C THR B 274 21.56 -13.96 -5.37
N GLY B 275 21.52 -12.82 -4.74
CA GLY B 275 22.64 -11.90 -4.79
C GLY B 275 22.90 -11.27 -6.15
N ASP B 276 23.93 -11.74 -6.83
CA ASP B 276 24.34 -11.17 -8.10
C ASP B 276 23.38 -11.30 -9.26
N THR B 277 22.35 -12.10 -9.06
CA THR B 277 21.31 -12.21 -10.03
C THR B 277 20.03 -11.53 -9.57
N HIS B 278 20.08 -10.94 -8.41
CA HIS B 278 19.04 -10.10 -7.87
C HIS B 278 17.62 -10.57 -7.76
N ARG B 279 17.43 -11.81 -7.38
N ARG B 279 17.43 -11.82 -7.39
CA ARG B 279 16.09 -12.28 -7.22
CA ARG B 279 16.09 -12.33 -7.24
C ARG B 279 15.88 -13.09 -5.97
C ARG B 279 15.89 -13.02 -5.93
N ILE B 280 14.64 -13.13 -5.54
CA ILE B 280 14.29 -13.86 -4.37
C ILE B 280 13.70 -15.13 -4.99
N CYS B 281 14.30 -16.26 -4.69
CA CYS B 281 13.82 -17.53 -5.17
C CYS B 281 13.30 -18.38 -4.02
N TYR B 282 12.60 -19.44 -4.32
CA TYR B 282 12.07 -20.28 -3.28
C TYR B 282 12.18 -21.74 -3.64
N ALA B 283 12.13 -22.56 -2.61
CA ALA B 283 12.23 -23.99 -2.73
C ALA B 283 11.41 -24.63 -1.64
N THR B 284 11.03 -25.87 -1.83
CA THR B 284 10.19 -26.51 -0.84
C THR B 284 10.66 -27.88 -0.34
N SER B 285 10.25 -28.21 0.87
CA SER B 285 10.59 -29.47 1.48
C SER B 285 9.56 -29.93 2.49
N ASP B 286 9.62 -31.18 2.88
CA ASP B 286 8.72 -31.65 3.90
C ASP B 286 9.36 -31.64 5.27
N SER B 287 10.56 -31.12 5.33
CA SER B 287 11.28 -31.04 6.54
C SER B 287 11.87 -29.67 6.65
N PRO B 288 12.03 -29.18 7.87
CA PRO B 288 12.70 -27.91 8.09
C PRO B 288 14.20 -27.94 7.82
N TYR B 289 14.79 -29.14 7.81
CA TYR B 289 16.17 -29.38 7.53
C TYR B 289 16.42 -29.55 6.07
N GLY B 290 15.36 -29.69 5.31
CA GLY B 290 15.50 -29.91 3.93
C GLY B 290 15.74 -31.36 3.59
N PRO B 291 16.26 -31.66 2.40
CA PRO B 291 16.58 -30.82 1.25
C PRO B 291 15.37 -30.20 0.59
N PHE B 292 15.56 -29.01 0.07
CA PHE B 292 14.51 -28.28 -0.56
C PHE B 292 14.68 -28.34 -2.03
N THR B 293 13.60 -28.53 -2.75
CA THR B 293 13.65 -28.57 -4.18
C THR B 293 13.30 -27.22 -4.76
N TYR B 294 14.18 -26.67 -5.57
CA TYR B 294 13.98 -25.37 -6.19
C TYR B 294 12.67 -25.31 -6.92
N GLN B 295 11.91 -24.26 -6.68
CA GLN B 295 10.65 -24.08 -7.35
C GLN B 295 10.70 -22.96 -8.37
N GLY B 296 11.11 -21.79 -7.96
CA GLY B 296 11.18 -20.68 -8.86
C GLY B 296 11.44 -19.31 -8.27
N VAL B 297 11.20 -18.29 -9.05
CA VAL B 297 11.40 -16.92 -8.64
C VAL B 297 10.19 -16.34 -7.98
N LEU B 298 10.43 -15.78 -6.82
CA LEU B 298 9.36 -15.23 -5.99
C LEU B 298 9.27 -13.70 -6.16
N LEU B 299 10.40 -13.06 -6.29
CA LEU B 299 10.45 -11.64 -6.48
C LEU B 299 11.46 -11.30 -7.55
N ALA B 300 11.04 -10.54 -8.55
CA ALA B 300 11.92 -10.10 -9.61
C ALA B 300 12.84 -8.98 -9.15
N PRO B 301 13.88 -8.67 -9.92
CA PRO B 301 14.85 -7.69 -9.45
C PRO B 301 14.35 -6.33 -9.02
N VAL B 302 14.84 -5.87 -7.87
CA VAL B 302 14.47 -4.56 -7.36
C VAL B 302 15.57 -3.53 -7.59
N VAL B 303 15.22 -2.27 -7.42
CA VAL B 303 16.14 -1.15 -7.50
C VAL B 303 17.13 -1.20 -6.34
N GLY B 304 18.42 -0.98 -6.63
CA GLY B 304 19.48 -1.16 -5.65
C GLY B 304 20.03 -2.56 -5.76
N TRP B 305 21.27 -2.78 -5.39
CA TRP B 305 21.88 -4.07 -5.56
C TRP B 305 21.29 -5.18 -4.72
N THR B 306 20.99 -4.93 -3.48
CA THR B 306 20.50 -5.97 -2.63
C THR B 306 19.03 -6.24 -2.75
N THR B 307 18.61 -7.40 -2.30
CA THR B 307 17.23 -7.78 -2.29
C THR B 307 17.10 -8.64 -1.05
N HIS B 308 16.08 -8.42 -0.27
CA HIS B 308 15.93 -9.10 1.02
C HIS B 308 14.48 -9.06 1.42
N HIS B 309 14.02 -10.06 2.13
CA HIS B 309 12.60 -10.28 2.22
C HIS B 309 12.16 -11.09 3.43
N SER B 310 10.85 -11.10 3.64
CA SER B 310 10.22 -12.08 4.50
C SER B 310 8.81 -12.38 3.96
N ILE B 311 8.24 -13.49 4.40
CA ILE B 311 6.90 -13.88 3.97
C ILE B 311 6.09 -14.17 5.21
N CYS B 312 4.97 -13.47 5.36
CA CYS B 312 4.21 -13.53 6.61
C CYS B 312 2.71 -13.47 6.37
N LEU B 313 2.00 -14.34 7.05
CA LEU B 313 0.57 -14.37 6.99
C LEU B 313 0.00 -13.43 8.06
N PHE B 314 -0.95 -12.60 7.67
CA PHE B 314 -1.59 -11.63 8.56
C PHE B 314 -3.10 -11.70 8.31
N GLN B 315 -3.83 -12.30 9.21
CA GLN B 315 -5.27 -12.49 9.08
C GLN B 315 -5.64 -13.17 7.78
N GLN B 316 -6.31 -12.45 6.91
CA GLN B 316 -6.78 -13.04 5.67
C GLN B 316 -5.84 -12.99 4.46
N GLN B 317 -4.59 -12.71 4.68
CA GLN B 317 -3.69 -12.45 3.57
C GLN B 317 -2.22 -12.77 3.85
N TRP B 318 -1.57 -13.43 2.89
CA TRP B 318 -0.16 -13.67 2.98
C TRP B 318 0.51 -12.45 2.35
N TYR B 319 1.65 -12.05 2.84
CA TYR B 319 2.35 -10.89 2.30
C TYR B 319 3.82 -11.19 2.04
N LEU B 320 4.35 -10.60 0.97
CA LEU B 320 5.78 -10.52 0.78
C LEU B 320 6.25 -9.19 1.34
N PHE B 321 7.26 -9.23 2.19
CA PHE B 321 7.92 -8.01 2.63
C PHE B 321 9.28 -7.99 1.95
N TYR B 322 9.71 -6.81 1.49
CA TYR B 322 10.94 -6.71 0.72
C TYR B 322 11.42 -5.27 0.76
N HIS B 323 12.51 -4.97 0.07
CA HIS B 323 12.97 -3.59 0.02
C HIS B 323 13.50 -3.21 -1.37
N ASP B 324 13.61 -1.91 -1.62
CA ASP B 324 14.38 -1.46 -2.75
C ASP B 324 14.97 -0.07 -2.47
N SER B 325 15.67 0.47 -3.46
CA SER B 325 16.37 1.74 -3.27
C SER B 325 15.73 2.89 -4.05
N VAL B 326 14.45 2.79 -4.31
CA VAL B 326 13.76 3.84 -4.99
C VAL B 326 13.74 5.09 -4.13
N LEU B 327 13.34 5.02 -2.88
CA LEU B 327 13.30 6.19 -2.02
C LEU B 327 14.54 7.06 -1.96
N SER B 328 15.69 6.47 -2.14
CA SER B 328 16.94 7.21 -2.06
C SER B 328 17.46 7.64 -3.43
N GLY B 329 16.65 7.44 -4.46
CA GLY B 329 17.05 7.77 -5.81
C GLY B 329 17.99 6.74 -6.41
N GLY B 330 17.88 5.50 -5.93
CA GLY B 330 18.64 4.40 -6.49
C GLY B 330 19.91 4.08 -5.72
N GLN B 331 20.06 4.65 -4.52
CA GLN B 331 21.26 4.39 -3.73
C GLN B 331 21.16 3.03 -3.05
N THR B 332 22.07 2.13 -3.43
CA THR B 332 22.05 0.75 -2.97
C THR B 332 22.04 0.61 -1.44
N HIS B 333 22.77 1.45 -0.75
CA HIS B 333 22.85 1.35 0.67
C HIS B 333 21.84 2.13 1.45
N LEU B 334 20.91 2.75 0.78
CA LEU B 334 19.83 3.49 1.42
C LEU B 334 18.47 3.00 0.93
N ARG B 335 17.87 2.09 1.63
CA ARG B 335 16.69 1.48 1.13
C ARG B 335 15.44 1.85 1.87
N SER B 336 14.33 1.19 1.55
CA SER B 336 13.08 1.33 2.27
C SER B 336 12.30 0.04 2.12
N ILE B 337 11.67 -0.43 3.20
CA ILE B 337 10.95 -1.68 3.07
C ILE B 337 9.56 -1.47 2.45
N LYS B 338 9.04 -2.50 1.84
CA LYS B 338 7.78 -2.49 1.17
C LYS B 338 7.04 -3.79 1.40
N MET B 339 5.77 -3.83 1.06
CA MET B 339 5.01 -5.03 1.18
C MET B 339 4.04 -5.19 0.02
N ALA B 340 3.68 -6.42 -0.28
CA ALA B 340 2.78 -6.73 -1.34
C ALA B 340 2.12 -8.06 -1.09
N PRO B 341 0.87 -8.18 -1.47
CA PRO B 341 0.14 -9.41 -1.25
C PRO B 341 0.70 -10.56 -2.05
N LEU B 342 0.82 -11.70 -1.40
CA LEU B 342 1.37 -12.90 -1.96
C LEU B 342 0.32 -14.00 -2.01
N ALA B 343 0.39 -14.84 -3.02
CA ALA B 343 -0.56 -15.93 -3.15
C ALA B 343 0.05 -17.26 -3.47
N HIS B 344 -0.39 -18.28 -2.78
CA HIS B 344 0.01 -19.64 -3.02
C HIS B 344 -1.06 -20.23 -3.91
N ALA B 345 -0.67 -20.88 -4.98
CA ALA B 345 -1.64 -21.51 -5.84
C ALA B 345 -2.02 -22.87 -5.29
N ALA B 346 -3.06 -23.45 -5.83
CA ALA B 346 -3.51 -24.73 -5.38
C ALA B 346 -2.45 -25.81 -5.48
N ASP B 347 -1.60 -25.73 -6.48
CA ASP B 347 -0.53 -26.72 -6.63
C ASP B 347 0.69 -26.39 -5.76
N GLY B 348 0.53 -25.42 -4.86
CA GLY B 348 1.58 -25.09 -3.91
C GLY B 348 2.56 -24.02 -4.33
N THR B 349 2.59 -23.66 -5.59
CA THR B 349 3.55 -22.68 -6.05
C THR B 349 3.19 -21.26 -5.74
N ILE B 350 4.14 -20.37 -5.90
CA ILE B 350 3.97 -18.97 -5.68
C ILE B 350 4.34 -18.21 -6.92
N ALA B 351 3.41 -17.44 -7.43
CA ALA B 351 3.64 -16.68 -8.63
C ALA B 351 4.61 -15.55 -8.41
N THR B 352 5.43 -15.29 -9.39
CA THR B 352 6.43 -14.23 -9.26
C THR B 352 5.79 -12.87 -9.04
N ILE B 353 6.31 -12.11 -8.10
CA ILE B 353 5.86 -10.76 -7.85
C ILE B 353 6.82 -9.81 -8.54
N TYR B 354 6.30 -8.91 -9.35
CA TYR B 354 7.12 -7.97 -10.09
C TYR B 354 6.96 -6.59 -9.46
N PRO B 355 8.01 -6.12 -8.77
CA PRO B 355 7.94 -4.92 -7.93
C PRO B 355 7.62 -3.62 -8.69
N TYR B 356 7.79 -3.59 -10.00
CA TYR B 356 7.49 -2.40 -10.79
C TYR B 356 6.59 -2.78 -11.95
N GLY B 357 5.94 -3.93 -11.83
CA GLY B 357 5.10 -4.45 -12.89
C GLY B 357 5.87 -5.43 -13.75
N GLU B 358 5.18 -6.42 -14.30
CA GLU B 358 5.85 -7.44 -15.10
C GLU B 358 6.45 -6.85 -16.37
N ASP B 359 5.83 -5.79 -16.89
CA ASP B 359 6.42 -5.35 -18.14
C ASP B 359 7.40 -4.17 -18.01
N ALA B 360 7.77 -3.84 -16.78
CA ALA B 360 8.83 -2.88 -16.54
C ALA B 360 10.17 -3.44 -17.02
N VAL B 361 11.08 -2.56 -17.41
CA VAL B 361 12.44 -2.98 -17.72
C VAL B 361 13.18 -3.26 -16.41
N SER B 362 13.53 -4.53 -16.20
CA SER B 362 14.19 -4.95 -14.96
C SER B 362 15.45 -4.14 -14.70
N PRO B 363 15.63 -3.66 -13.46
CA PRO B 363 16.83 -2.90 -13.13
C PRO B 363 18.12 -3.75 -13.16
N TRP B 364 18.00 -5.07 -13.25
CA TRP B 364 19.18 -5.94 -13.29
C TRP B 364 19.02 -7.06 -14.32
O1 XYP C . 28.84 -4.12 -6.77
C1 XYP C . 28.90 -4.57 -5.43
C2 XYP C . 27.66 -4.16 -4.64
C3 XYP C . 27.69 -4.75 -3.25
C4 XYP C . 27.88 -6.22 -3.30
C5 XYP C . 29.07 -6.53 -4.18
O2 XYP C . 27.60 -2.75 -4.50
O3 XYP C . 26.47 -4.52 -2.57
O4 XYP C . 28.14 -6.63 -1.97
O5 XYP C . 28.94 -5.98 -5.46
C1 XYP C . 27.14 -7.40 -1.31
C2 XYP C . 27.74 -7.93 -0.03
C3 XYP C . 26.68 -8.59 0.84
C4 XYP C . 25.57 -7.59 1.11
C5 XYP C . 25.07 -7.20 -0.25
O2 XYP C . 28.79 -8.79 -0.39
O3 XYP C . 27.24 -9.00 2.06
O4 XYP C . 24.50 -8.06 1.93
O5 XYP C . 26.12 -6.52 -0.92
C1 XYP C . 23.46 -7.63 2.60
C1 XYP C . 23.44 -7.62 2.53
C2 XYP C . 23.09 -8.27 3.91
C2 XYP C . 23.12 -8.32 3.84
C3 XYP C . 22.11 -7.49 4.71
C3 XYP C . 22.14 -7.52 4.67
C4 XYP C . 22.64 -6.07 4.95
C4 XYP C . 22.62 -6.07 4.80
C5 XYP C . 23.49 -5.52 3.85
C5 XYP C . 22.97 -5.52 3.45
O2 XYP C . 22.52 -9.55 3.69
O2 XYP C . 22.56 -9.62 3.59
O3 XYP C . 22.07 -8.23 5.91
O3 XYP C . 22.07 -8.18 5.92
O4 XYP C . 21.64 -5.12 5.23
O4 XYP C . 21.61 -5.21 5.32
O5 XYP C . 23.52 -6.23 2.66
O5 XYP C . 23.95 -6.34 2.85
CA CA D . -16.99 11.40 -6.09
O1 XYP E . -13.18 18.05 -12.90
C1 XYP E . -12.94 16.69 -12.67
C2 XYP E . -14.24 16.04 -12.25
C3 XYP E . -14.22 14.56 -12.38
C4 XYP E . -13.66 14.15 -13.73
C5 XYP E . -12.32 14.78 -13.93
O2 XYP E . -14.59 16.33 -10.91
O3 XYP E . -15.56 14.22 -12.26
O4 XYP E . -13.49 12.77 -13.79
O5 XYP E . -12.42 16.18 -13.87
C1 PEG F . -19.60 4.99 13.56
O1 PEG F . -19.21 5.87 14.59
C2 PEG F . -18.44 4.11 13.16
O2 PEG F . -17.28 4.89 13.08
C3 PEG F . -16.22 3.99 13.12
C4 PEG F . -15.61 3.83 14.48
O4 PEG F . -14.23 4.09 14.29
C1 PEG G . -37.72 17.95 -10.06
O1 PEG G . -37.77 18.16 -11.44
C2 PEG G . -37.68 16.49 -9.74
O2 PEG G . -37.58 16.34 -8.35
C3 PEG G . -38.83 16.27 -7.76
C4 PEG G . -39.00 15.15 -6.79
O4 PEG G . -40.17 15.43 -6.04
C1 PEG H . -32.23 20.82 -17.62
O1 PEG H . -32.96 19.66 -17.91
C2 PEG H . -30.81 20.44 -17.25
O2 PEG H . -29.87 21.50 -17.41
C3 PEG H . -29.57 21.91 -18.72
C4 PEG H . -30.45 23.07 -19.10
O4 PEG H . -30.16 23.55 -20.40
C1 PEG I . -1.11 2.50 -19.28
O1 PEG I . -2.36 1.87 -19.27
C2 PEG I . -0.40 2.07 -18.05
O2 PEG I . 0.42 3.11 -17.59
C3 PEG I . 1.75 2.70 -17.50
C4 PEG I . 2.69 3.87 -17.70
O4 PEG I . 3.99 3.39 -18.03
C1 PEG J . -2.83 24.45 0.12
O1 PEG J . -2.84 24.59 -1.29
C2 PEG J . -2.81 23.00 0.51
O2 PEG J . -2.75 22.78 1.90
C3 PEG J . -2.58 21.39 2.12
C4 PEG J . -2.17 21.00 3.53
O4 PEG J . -2.40 22.00 4.53
C1 GOL K . -19.34 1.58 2.99
O1 GOL K . -18.63 1.16 4.15
C2 GOL K . -20.85 1.59 3.17
O2 GOL K . -21.32 2.75 3.85
C3 GOL K . -21.63 1.34 1.92
O3 GOL K . -22.29 2.49 1.44
CA CA L . 16.20 -11.91 6.89
C1 PEG M . 33.90 -17.73 14.41
O1 PEG M . 33.88 -17.81 15.83
C2 PEG M . 34.78 -16.65 13.80
O2 PEG M . 35.98 -17.16 13.29
C3 PEG M . 37.03 -16.23 13.21
C4 PEG M . 38.20 -16.69 14.07
O4 PEG M . 39.13 -15.67 14.34
C1 PEG N . 27.99 -25.79 19.46
O1 PEG N . 28.92 -24.76 19.73
C2 PEG N . 26.59 -25.27 19.37
O2 PEG N . 25.78 -25.92 20.32
C3 PEG N . 25.82 -27.31 20.21
C4 PEG N . 24.75 -27.86 21.11
O4 PEG N . 24.99 -29.25 21.19
C1 PEG O . 5.16 -28.08 -5.41
O1 PEG O . 5.15 -28.07 -6.83
C2 PEG O . 5.34 -26.69 -4.87
O2 PEG O . 4.62 -26.53 -3.67
C3 PEG O . 4.54 -27.68 -2.87
C4 PEG O . 3.58 -27.46 -1.73
O4 PEG O . 2.81 -28.64 -1.59
C1 PEG P . 36.83 -13.46 1.11
O1 PEG P . 35.94 -14.07 0.19
C2 PEG P . 36.26 -12.16 1.67
O2 PEG P . 35.70 -12.38 2.96
C3 PEG P . 36.51 -12.01 4.08
C4 PEG P . 35.68 -12.29 5.32
O4 PEG P . 36.31 -13.07 6.36
C1 GOL Q . 6.44 -15.93 13.70
O1 GOL Q . 6.62 -15.51 15.04
C2 GOL Q . 4.98 -15.91 13.31
O2 GOL Q . 4.75 -16.93 12.33
C3 GOL Q . 4.47 -14.56 12.87
O3 GOL Q . 4.03 -14.54 11.53
#